data_7S4E
#
_entry.id   7S4E
#
_cell.length_a   80.140
_cell.length_b   116.570
_cell.length_c   122.320
_cell.angle_alpha   90.000
_cell.angle_beta   90.000
_cell.angle_gamma   90.000
#
_symmetry.space_group_name_H-M   'P 21 21 21'
#
loop_
_entity.id
_entity.type
_entity.pdbx_description
1 polymer 'Isoform Short of Probable global transcription activator SNF2L2'
2 polymer 'von Hippel-Lindau disease tumor suppressor'
3 polymer Elongin-C
4 polymer Elongin-B
5 non-polymer 1,2-ETHANEDIOL
6 non-polymer 'SODIUM ION'
7 non-polymer DI(HYDROXYETHYL)ETHER
8 non-polymer N-(1-fluorocyclopropane-1-carbonyl)-3-methyl-L-valyl-(4R)-N-{[2-{2-[4-({4-[3-amino-6-(2-hydroxyphenyl)pyridazin-4-yl]piperazin-1-yl}methyl)phenoxy]ethoxy}-4-(4-methyl-1,3-thiazol-5-yl)phenyl]methyl}-4-hydroxy-L-prolinamide
9 water water
#
loop_
_entity_poly.entity_id
_entity_poly.type
_entity_poly.pdbx_seq_one_letter_code
_entity_poly.pdbx_strand_id
1 'polypeptide(L)'
;GSGGAEKLSPNPPKLTKQMNAIIDTVINYKDSSGRQLSEVFIQLPSRKELPEYYELIRKPVDFKKIKERIRNHKYRSLGD
LEKDVMLLCHNAQTFNLEGSQIYEDSIVLQSVFKSARQKIAKEEE
;
A,E
2 'polypeptide(L)'
;GSMEAGRPRPVLRSVNSREPSQVIFCNRSPRVVLPVWLNFDGEPQPYPTLPPGTGRRIHSYRGHLWLFRDAGTHDGLLVN
QTELFVPSLNVDGQPIFANITLPVYTLKERCLQVVRSLVKPENYRRLDIVRSLYEDLEDHPNVQKDLERLTQERIAHQRM
GD
;
B,F
3 'polypeptide(L)'
;MYVKLISSDGHEFIVKREHALTSGTIKAMLSGPGQFAENETNEVNFREIPSHVLSKVCMYFTYKVRYTNSSTEIPEFPIA
PEIALELLMAANFLDC
;
C,G
4 'polypeptide(L)'
;MDVFLMIRRHKTTIFTDAKESSTVFELKRIVEGILKRPPDEQRLYKDDQLLDDGKTLGECGFTSQTARPQAPATVGLAFR
ADDTFEALCIEPFSSPPELPDVMK
;
D,H
#
loop_
_chem_comp.id
_chem_comp.type
_chem_comp.name
_chem_comp.formula
87A non-polymer N-(1-fluorocyclopropane-1-carbonyl)-3-methyl-L-valyl-(4R)-N-{[2-{2-[4-({4-[3-amino-6-(2-hydroxyphenyl)pyridazin-4-yl]piperazin-1-yl}methyl)phenoxy]ethoxy}-4-(4-methyl-1,3-thiazol-5-yl)phenyl]methyl}-4-hydroxy-L-prolinamide 'C49 H58 F N9 O7 S'
EDO non-polymer 1,2-ETHANEDIOL 'C2 H6 O2'
NA non-polymer 'SODIUM ION' 'Na 1'
PEG non-polymer DI(HYDROXYETHYL)ETHER 'C4 H10 O3'
#
# COMPACT_ATOMS: atom_id res chain seq x y z
N LEU A 8 -9.12 13.64 -62.03
CA LEU A 8 -9.61 12.89 -60.84
C LEU A 8 -11.05 12.44 -61.13
N SER A 9 -11.17 11.27 -61.78
CA SER A 9 -12.43 10.66 -62.30
C SER A 9 -12.91 9.55 -61.35
N PRO A 10 -14.20 9.18 -61.35
CA PRO A 10 -14.73 8.26 -60.35
C PRO A 10 -14.22 6.82 -60.47
N ASN A 11 -13.90 6.20 -59.34
CA ASN A 11 -13.76 4.72 -59.23
C ASN A 11 -15.08 4.05 -59.60
N PRO A 12 -15.03 2.80 -60.13
CA PRO A 12 -16.25 2.00 -60.31
C PRO A 12 -17.05 1.84 -59.03
N PRO A 13 -18.39 1.69 -59.09
CA PRO A 13 -19.20 1.58 -57.88
C PRO A 13 -18.79 0.44 -56.94
N LYS A 14 -18.43 -0.74 -57.49
CA LYS A 14 -18.14 -1.98 -56.70
C LYS A 14 -16.88 -1.80 -55.84
N LEU A 15 -15.92 -0.95 -56.29
CA LEU A 15 -14.65 -0.65 -55.57
C LEU A 15 -14.93 0.28 -54.39
N THR A 16 -15.79 1.28 -54.57
CA THR A 16 -16.21 2.25 -53.52
C THR A 16 -17.07 1.51 -52.48
N LYS A 17 -17.88 0.54 -52.92
CA LYS A 17 -18.71 -0.33 -52.03
C LYS A 17 -17.76 -1.21 -51.19
N GLN A 18 -16.68 -1.72 -51.80
CA GLN A 18 -15.65 -2.54 -51.11
C GLN A 18 -14.95 -1.67 -50.06
N MET A 19 -14.29 -0.58 -50.47
CA MET A 19 -13.57 0.36 -49.59
C MET A 19 -14.42 0.71 -48.36
N ASN A 20 -15.68 1.10 -48.55
CA ASN A 20 -16.53 1.65 -47.46
C ASN A 20 -16.85 0.53 -46.46
N ALA A 21 -17.08 -0.69 -46.94
CA ALA A 21 -17.49 -1.84 -46.10
C ALA A 21 -16.30 -2.32 -45.25
N ILE A 22 -15.08 -2.22 -45.78
CA ILE A 22 -13.81 -2.56 -45.05
C ILE A 22 -13.62 -1.56 -43.92
N ILE A 23 -13.59 -0.26 -44.24
CA ILE A 23 -13.39 0.83 -43.24
C ILE A 23 -14.51 0.77 -42.18
N ASP A 24 -15.77 0.52 -42.57
CA ASP A 24 -16.90 0.42 -41.61
C ASP A 24 -16.58 -0.68 -40.58
N THR A 25 -16.05 -1.83 -41.02
CA THR A 25 -15.70 -2.99 -40.15
C THR A 25 -14.66 -2.53 -39.12
N VAL A 26 -13.56 -1.93 -39.59
CA VAL A 26 -12.46 -1.38 -38.77
C VAL A 26 -13.02 -0.39 -37.76
N ILE A 27 -13.79 0.60 -38.22
CA ILE A 27 -14.37 1.68 -37.37
C ILE A 27 -15.36 1.07 -36.36
N ASN A 28 -16.19 0.11 -36.75
CA ASN A 28 -17.27 -0.41 -35.88
C ASN A 28 -16.73 -1.50 -34.93
N TYR A 29 -15.53 -2.04 -35.20
CA TYR A 29 -14.95 -3.16 -34.41
C TYR A 29 -14.97 -2.81 -32.93
N LYS A 30 -15.53 -3.71 -32.11
CA LYS A 30 -15.46 -3.69 -30.63
C LYS A 30 -14.66 -4.92 -30.16
N ASP A 31 -13.87 -4.79 -29.09
CA ASP A 31 -13.01 -5.89 -28.55
C ASP A 31 -13.92 -6.80 -27.71
N SER A 32 -13.34 -7.70 -26.89
CA SER A 32 -14.11 -8.67 -26.06
C SER A 32 -14.68 -7.96 -24.83
N SER A 33 -14.04 -6.88 -24.36
CA SER A 33 -14.51 -6.03 -23.23
C SER A 33 -15.70 -5.16 -23.68
N GLY A 34 -15.81 -4.85 -24.97
CA GLY A 34 -16.93 -4.09 -25.57
C GLY A 34 -16.59 -2.63 -25.89
N ARG A 35 -15.33 -2.33 -26.21
CA ARG A 35 -14.81 -0.94 -26.44
C ARG A 35 -14.50 -0.75 -27.93
N GLN A 36 -14.95 0.34 -28.53
CA GLN A 36 -14.69 0.66 -29.96
C GLN A 36 -13.24 1.17 -30.08
N LEU A 37 -12.35 0.41 -30.72
CA LEU A 37 -10.89 0.70 -30.70
C LEU A 37 -10.58 1.92 -31.57
N SER A 38 -11.40 2.17 -32.59
CA SER A 38 -11.25 3.30 -33.54
C SER A 38 -11.47 4.66 -32.86
N GLU A 39 -12.12 4.70 -31.70
CA GLU A 39 -12.76 5.93 -31.15
C GLU A 39 -11.76 7.09 -31.27
N VAL A 40 -10.58 6.91 -30.72
CA VAL A 40 -9.51 7.94 -30.59
C VAL A 40 -8.88 8.25 -31.97
N PHE A 41 -9.07 7.41 -32.97
CA PHE A 41 -8.40 7.53 -34.28
C PHE A 41 -9.30 8.23 -35.31
N ILE A 42 -10.57 8.52 -34.98
CA ILE A 42 -11.54 9.12 -35.93
C ILE A 42 -10.99 10.47 -36.42
N GLN A 43 -10.47 11.28 -35.51
CA GLN A 43 -10.08 12.70 -35.74
C GLN A 43 -8.77 12.97 -34.99
N LEU A 44 -7.74 13.41 -35.72
CA LEU A 44 -6.47 13.91 -35.15
C LEU A 44 -6.79 14.99 -34.12
N PRO A 45 -5.94 15.18 -33.10
CA PRO A 45 -5.97 16.43 -32.34
C PRO A 45 -5.42 17.54 -33.23
N SER A 46 -5.74 18.80 -32.93
CA SER A 46 -5.23 19.98 -33.69
C SER A 46 -3.78 20.28 -33.32
N ARG A 47 -3.06 20.98 -34.21
CA ARG A 47 -1.64 21.42 -34.01
C ARG A 47 -1.55 22.31 -32.79
N LYS A 48 -2.64 22.98 -32.40
CA LYS A 48 -2.66 23.83 -31.17
C LYS A 48 -2.79 22.93 -29.92
N GLU A 49 -3.65 21.91 -29.96
CA GLU A 49 -3.88 20.96 -28.83
C GLU A 49 -2.56 20.23 -28.51
N LEU A 50 -1.86 19.78 -29.54
CA LEU A 50 -0.75 18.83 -29.40
C LEU A 50 0.30 19.08 -30.48
N PRO A 51 1.08 20.16 -30.38
CA PRO A 51 2.09 20.46 -31.40
C PRO A 51 3.13 19.33 -31.51
N GLU A 52 3.38 18.65 -30.40
CA GLU A 52 4.37 17.53 -30.30
C GLU A 52 4.07 16.47 -31.35
N TYR A 53 2.80 16.17 -31.61
CA TYR A 53 2.39 15.16 -32.61
C TYR A 53 2.89 15.57 -34.01
N TYR A 54 2.79 16.87 -34.34
CA TYR A 54 3.13 17.38 -35.70
C TYR A 54 4.65 17.63 -35.81
N GLU A 55 5.38 17.84 -34.71
CA GLU A 55 6.87 17.91 -34.81
C GLU A 55 7.43 16.52 -35.17
N LEU A 56 6.70 15.44 -34.92
CA LEU A 56 7.20 14.05 -35.11
C LEU A 56 6.63 13.43 -36.38
N ILE A 57 5.32 13.56 -36.63
CA ILE A 57 4.60 12.82 -37.70
C ILE A 57 4.55 13.69 -38.97
N ARG A 58 5.20 13.25 -40.07
CA ARG A 58 5.34 14.03 -41.31
C ARG A 58 4.04 13.97 -42.13
N LYS A 59 3.26 12.89 -42.03
CA LYS A 59 2.06 12.64 -42.90
C LYS A 59 0.88 12.25 -42.01
N PRO A 60 0.30 13.21 -41.25
CA PRO A 60 -0.83 12.91 -40.38
C PRO A 60 -2.07 12.51 -41.18
N VAL A 61 -2.90 11.64 -40.61
CA VAL A 61 -4.12 11.09 -41.24
C VAL A 61 -4.99 10.42 -40.18
N ASP A 62 -6.31 10.55 -40.31
CA ASP A 62 -7.30 9.98 -39.36
C ASP A 62 -8.33 9.27 -40.21
N PHE A 63 -9.32 8.63 -39.60
CA PHE A 63 -10.37 7.87 -40.32
C PHE A 63 -11.32 8.86 -41.02
N LYS A 64 -11.52 10.08 -40.51
CA LYS A 64 -12.32 11.13 -41.23
C LYS A 64 -11.70 11.37 -42.61
N LYS A 65 -10.41 11.66 -42.66
CA LYS A 65 -9.66 11.93 -43.92
C LYS A 65 -9.69 10.69 -44.84
N ILE A 66 -9.65 9.48 -44.30
CA ILE A 66 -9.62 8.21 -45.08
C ILE A 66 -10.99 8.00 -45.72
N LYS A 67 -12.07 8.29 -44.99
CA LYS A 67 -13.47 8.22 -45.53
C LYS A 67 -13.66 9.28 -46.64
N GLU A 68 -13.04 10.44 -46.48
CA GLU A 68 -13.08 11.58 -47.45
C GLU A 68 -12.33 11.17 -48.72
N ARG A 69 -11.21 10.46 -48.57
CA ARG A 69 -10.35 10.04 -49.70
C ARG A 69 -11.04 8.90 -50.46
N ILE A 70 -11.96 8.19 -49.82
CA ILE A 70 -12.84 7.19 -50.49
C ILE A 70 -13.89 7.97 -51.31
N ARG A 71 -14.62 8.90 -50.67
CA ARG A 71 -15.71 9.71 -51.30
C ARG A 71 -15.14 10.38 -52.57
N ASN A 72 -13.92 10.93 -52.52
CA ASN A 72 -13.30 11.79 -53.57
C ASN A 72 -12.43 10.97 -54.55
N HIS A 73 -12.48 9.64 -54.46
CA HIS A 73 -11.87 8.69 -55.44
C HIS A 73 -10.35 8.91 -55.53
N LYS A 74 -9.69 9.23 -54.41
CA LYS A 74 -8.23 9.54 -54.37
C LYS A 74 -7.45 8.22 -54.28
N TYR A 75 -7.98 7.23 -53.58
CA TYR A 75 -7.53 5.82 -53.59
C TYR A 75 -8.04 5.14 -54.87
N ARG A 76 -7.14 4.63 -55.71
CA ARG A 76 -7.48 4.02 -57.02
C ARG A 76 -7.48 2.48 -56.90
N SER A 77 -7.17 1.90 -55.73
CA SER A 77 -7.10 0.43 -55.47
C SER A 77 -7.38 0.15 -53.99
N LEU A 78 -7.80 -1.05 -53.61
CA LEU A 78 -7.88 -1.46 -52.18
C LEU A 78 -6.50 -1.25 -51.55
N GLY A 79 -5.44 -1.54 -52.31
CA GLY A 79 -4.03 -1.32 -51.95
C GLY A 79 -3.74 0.10 -51.49
N ASP A 80 -4.17 1.12 -52.24
CA ASP A 80 -3.96 2.55 -51.89
C ASP A 80 -4.65 2.86 -50.54
N LEU A 81 -5.81 2.26 -50.28
CA LEU A 81 -6.56 2.41 -49.01
C LEU A 81 -5.74 1.81 -47.86
N GLU A 82 -5.30 0.56 -48.00
CA GLU A 82 -4.49 -0.14 -46.97
C GLU A 82 -3.34 0.77 -46.54
N LYS A 83 -2.64 1.39 -47.49
CA LYS A 83 -1.39 2.16 -47.20
C LYS A 83 -1.72 3.30 -46.24
N ASP A 84 -2.81 4.03 -46.47
CA ASP A 84 -3.24 5.16 -45.60
C ASP A 84 -3.62 4.64 -44.20
N VAL A 85 -4.28 3.48 -44.11
CA VAL A 85 -4.68 2.86 -42.81
C VAL A 85 -3.42 2.39 -42.07
N MET A 86 -2.51 1.70 -42.76
CA MET A 86 -1.24 1.26 -42.13
C MET A 86 -0.49 2.52 -41.66
N LEU A 87 -0.54 3.60 -42.43
CA LEU A 87 0.17 4.86 -42.09
C LEU A 87 -0.43 5.44 -40.82
N LEU A 88 -1.75 5.49 -40.73
CA LEU A 88 -2.47 5.97 -39.52
C LEU A 88 -1.92 5.17 -38.34
N CYS A 89 -1.94 3.84 -38.45
CA CYS A 89 -1.59 2.91 -37.35
C CYS A 89 -0.11 3.08 -36.99
N HIS A 90 0.79 3.28 -37.97
CA HIS A 90 2.25 3.47 -37.70
C HIS A 90 2.50 4.83 -37.06
N ASN A 91 1.76 5.86 -37.46
CA ASN A 91 1.93 7.21 -36.86
C ASN A 91 1.57 7.12 -35.36
N ALA A 92 0.49 6.42 -35.02
CA ALA A 92 0.01 6.27 -33.64
C ALA A 92 1.04 5.48 -32.85
N GLN A 93 1.67 4.49 -33.52
CA GLN A 93 2.73 3.64 -32.93
C GLN A 93 3.99 4.48 -32.73
N THR A 94 4.41 5.26 -33.73
CA THR A 94 5.61 6.12 -33.60
C THR A 94 5.44 7.13 -32.47
N PHE A 95 4.31 7.84 -32.43
CA PHE A 95 4.07 8.88 -31.40
C PHE A 95 3.94 8.28 -30.00
N ASN A 96 2.96 7.42 -29.78
CA ASN A 96 2.69 6.74 -28.48
C ASN A 96 3.49 5.46 -28.51
N LEU A 97 4.41 5.21 -27.61
CA LEU A 97 5.41 4.17 -28.02
C LEU A 97 4.88 2.80 -27.59
N GLU A 98 5.69 1.75 -27.71
CA GLU A 98 5.32 0.39 -27.25
C GLU A 98 4.94 0.48 -25.75
N GLY A 99 3.92 -0.24 -25.30
CA GLY A 99 3.47 -0.16 -23.89
C GLY A 99 2.20 0.68 -23.70
N SER A 100 1.80 1.49 -24.69
CA SER A 100 0.58 2.32 -24.62
C SER A 100 -0.61 1.51 -25.11
N GLN A 101 -1.79 1.69 -24.50
CA GLN A 101 -3.03 1.06 -25.01
C GLN A 101 -3.21 1.45 -26.48
N ILE A 102 -2.96 2.69 -26.82
CA ILE A 102 -3.24 3.21 -28.18
C ILE A 102 -2.31 2.54 -29.22
N TYR A 103 -1.06 2.20 -28.85
CA TYR A 103 -0.16 1.38 -29.71
C TYR A 103 -0.79 0.00 -29.95
N GLU A 104 -1.23 -0.68 -28.87
CA GLU A 104 -1.85 -2.02 -28.92
C GLU A 104 -3.15 -1.96 -29.73
N ASP A 105 -3.97 -0.93 -29.52
CA ASP A 105 -5.25 -0.75 -30.27
C ASP A 105 -4.95 -0.67 -31.77
N SER A 106 -3.97 0.15 -32.17
CA SER A 106 -3.59 0.34 -33.60
C SER A 106 -3.14 -0.99 -34.22
N ILE A 107 -2.45 -1.86 -33.47
CA ILE A 107 -1.99 -3.20 -33.96
C ILE A 107 -3.24 -4.04 -34.29
N VAL A 108 -4.20 -4.14 -33.38
CA VAL A 108 -5.46 -4.91 -33.56
C VAL A 108 -6.19 -4.36 -34.82
N LEU A 109 -6.24 -3.04 -35.01
CA LEU A 109 -6.98 -2.44 -36.15
C LEU A 109 -6.31 -2.76 -37.49
N GLN A 110 -4.97 -2.78 -37.55
CA GLN A 110 -4.21 -3.26 -38.74
C GLN A 110 -4.70 -4.66 -39.13
N SER A 111 -4.85 -5.53 -38.12
CA SER A 111 -5.25 -6.95 -38.27
C SER A 111 -6.71 -7.04 -38.74
N VAL A 112 -7.61 -6.28 -38.09
CA VAL A 112 -9.04 -6.19 -38.47
C VAL A 112 -9.16 -5.70 -39.92
N PHE A 113 -8.37 -4.72 -40.34
CA PHE A 113 -8.39 -4.22 -41.73
C PHE A 113 -8.07 -5.36 -42.69
N LYS A 114 -6.94 -6.05 -42.49
CA LYS A 114 -6.44 -7.09 -43.44
C LYS A 114 -7.47 -8.23 -43.51
N SER A 115 -8.06 -8.55 -42.36
CA SER A 115 -9.07 -9.62 -42.16
C SER A 115 -10.36 -9.27 -42.94
N ALA A 116 -10.79 -8.01 -42.91
CA ALA A 116 -12.00 -7.49 -43.59
C ALA A 116 -11.78 -7.50 -45.12
N ARG A 117 -10.61 -7.01 -45.58
CA ARG A 117 -10.23 -7.01 -47.01
C ARG A 117 -10.08 -8.45 -47.54
N GLN A 118 -9.70 -9.42 -46.70
CA GLN A 118 -9.61 -10.85 -47.11
C GLN A 118 -11.03 -11.39 -47.34
N LYS A 119 -12.04 -10.96 -46.57
CA LYS A 119 -13.44 -11.47 -46.68
C LYS A 119 -14.16 -10.78 -47.84
N ILE A 120 -13.95 -9.47 -48.02
CA ILE A 120 -14.74 -8.62 -48.96
C ILE A 120 -14.07 -8.67 -50.34
N ALA A 121 -12.83 -9.16 -50.48
CA ALA A 121 -12.21 -9.56 -51.77
C ALA A 121 -12.48 -11.05 -52.00
N LYS A 122 -13.68 -11.50 -51.63
CA LYS A 122 -14.26 -12.84 -51.92
C LYS A 122 -15.79 -12.72 -51.96
N ARG B 9 8.85 28.83 -20.64
CA ARG B 9 8.39 27.44 -20.30
C ARG B 9 8.50 27.20 -18.79
N PRO B 10 7.41 26.94 -18.05
CA PRO B 10 7.46 26.95 -16.59
C PRO B 10 8.42 25.91 -15.99
N VAL B 11 8.88 26.18 -14.78
CA VAL B 11 9.81 25.31 -14.01
C VAL B 11 9.16 23.95 -13.84
N LEU B 12 7.92 23.88 -13.35
CA LEU B 12 7.21 22.58 -13.15
C LEU B 12 6.42 22.20 -14.40
N ARG B 13 7.02 21.33 -15.21
CA ARG B 13 6.41 20.73 -16.43
C ARG B 13 6.94 19.31 -16.61
N SER B 14 6.18 18.46 -17.30
CA SER B 14 6.66 17.21 -17.94
C SER B 14 7.58 17.57 -19.10
N VAL B 15 8.66 16.82 -19.30
CA VAL B 15 9.48 16.92 -20.53
C VAL B 15 8.99 15.85 -21.50
N ASN B 16 9.09 16.16 -22.78
CA ASN B 16 8.70 15.30 -23.91
C ASN B 16 9.87 14.32 -24.14
N SER B 17 10.07 13.37 -23.21
CA SER B 17 11.19 12.42 -23.21
C SER B 17 11.02 11.39 -24.33
N ARG B 18 9.77 10.99 -24.59
CA ARG B 18 9.41 9.89 -25.53
C ARG B 18 10.12 8.60 -25.08
N GLU B 19 10.23 8.40 -23.77
CA GLU B 19 10.87 7.21 -23.15
C GLU B 19 9.81 6.61 -22.26
N PRO B 20 9.19 5.49 -22.68
CA PRO B 20 8.11 4.88 -21.92
C PRO B 20 8.54 4.41 -20.53
N SER B 21 7.59 4.44 -19.60
CA SER B 21 7.78 4.12 -18.18
C SER B 21 6.44 3.59 -17.65
N GLN B 22 6.43 2.37 -17.22
CA GLN B 22 5.28 1.70 -16.57
C GLN B 22 5.24 2.13 -15.10
N VAL B 23 4.07 2.48 -14.62
CA VAL B 23 3.88 3.04 -13.26
C VAL B 23 2.67 2.32 -12.67
N ILE B 24 2.67 2.04 -11.40
CA ILE B 24 1.46 1.59 -10.69
C ILE B 24 0.96 2.74 -9.81
N PHE B 25 -0.23 3.29 -10.07
CA PHE B 25 -0.89 4.25 -9.14
C PHE B 25 -1.67 3.44 -8.11
N CYS B 26 -1.39 3.57 -6.84
CA CYS B 26 -2.14 2.84 -5.79
C CYS B 26 -2.74 3.84 -4.80
N ASN B 27 -4.06 3.88 -4.66
CA ASN B 27 -4.76 4.76 -3.68
C ASN B 27 -4.84 4.06 -2.32
N ARG B 28 -3.91 4.39 -1.42
CA ARG B 28 -3.99 3.99 0.01
C ARG B 28 -4.46 5.19 0.83
N SER B 29 -5.45 5.95 0.36
CA SER B 29 -6.18 6.98 1.14
C SER B 29 -7.64 6.58 1.27
N PRO B 30 -8.43 7.15 2.20
CA PRO B 30 -9.88 6.96 2.22
C PRO B 30 -10.63 7.93 1.30
N ARG B 31 -9.89 8.70 0.48
CA ARG B 31 -10.47 9.64 -0.52
C ARG B 31 -10.57 8.97 -1.89
N VAL B 32 -11.51 9.44 -2.71
CA VAL B 32 -11.48 9.23 -4.18
C VAL B 32 -10.35 10.10 -4.71
N VAL B 33 -9.40 9.55 -5.47
CA VAL B 33 -8.16 10.27 -5.88
C VAL B 33 -8.31 10.71 -7.35
N LEU B 34 -7.88 11.92 -7.68
CA LEU B 34 -7.77 12.43 -9.07
C LEU B 34 -6.29 12.57 -9.39
N PRO B 35 -5.73 11.69 -10.23
CA PRO B 35 -4.37 11.86 -10.69
C PRO B 35 -4.38 13.09 -11.59
N VAL B 36 -3.33 13.89 -11.50
CA VAL B 36 -3.22 15.13 -12.30
C VAL B 36 -1.84 15.10 -12.95
N TRP B 37 -1.82 15.21 -14.28
CA TRP B 37 -0.60 15.23 -15.11
C TRP B 37 -0.32 16.68 -15.43
N LEU B 38 0.91 17.14 -15.24
CA LEU B 38 1.36 18.45 -15.77
C LEU B 38 1.82 18.22 -17.20
N ASN B 39 1.29 18.96 -18.17
CA ASN B 39 1.61 18.74 -19.60
C ASN B 39 2.95 19.40 -19.91
N PHE B 40 3.30 19.53 -21.19
CA PHE B 40 4.63 20.05 -21.62
C PHE B 40 4.73 21.54 -21.32
N ASP B 41 3.63 22.19 -20.93
CA ASP B 41 3.56 23.64 -20.62
C ASP B 41 3.12 23.87 -19.16
N GLY B 42 3.11 22.82 -18.34
CA GLY B 42 2.87 22.96 -16.89
C GLY B 42 1.38 22.93 -16.53
N GLU B 43 0.49 22.78 -17.52
CA GLU B 43 -0.97 22.93 -17.33
C GLU B 43 -1.48 21.60 -16.81
N PRO B 44 -2.20 21.57 -15.68
CA PRO B 44 -2.58 20.30 -15.07
C PRO B 44 -3.73 19.68 -15.89
N GLN B 45 -3.65 18.38 -16.16
CA GLN B 45 -4.72 17.62 -16.86
C GLN B 45 -5.31 16.58 -15.91
N PRO B 46 -6.65 16.48 -15.80
CA PRO B 46 -7.28 15.43 -14.99
C PRO B 46 -7.29 14.03 -15.64
N TYR B 47 -7.01 12.96 -14.88
CA TYR B 47 -7.04 11.57 -15.40
C TYR B 47 -8.11 10.81 -14.63
N PRO B 48 -8.52 9.61 -15.07
CA PRO B 48 -9.61 8.89 -14.42
C PRO B 48 -9.36 8.61 -12.94
N THR B 49 -10.42 8.61 -12.12
CA THR B 49 -10.30 8.62 -10.63
C THR B 49 -10.09 7.20 -10.11
N LEU B 50 -9.49 7.08 -8.93
CA LEU B 50 -9.19 5.81 -8.23
C LEU B 50 -10.04 5.78 -6.98
N PRO B 51 -11.00 4.86 -6.86
CA PRO B 51 -11.69 4.67 -5.58
C PRO B 51 -10.71 4.25 -4.48
N PRO B 52 -11.05 4.49 -3.20
CA PRO B 52 -10.19 4.08 -2.08
C PRO B 52 -9.78 2.60 -2.15
N GLY B 53 -8.50 2.31 -1.96
CA GLY B 53 -7.98 0.93 -1.96
C GLY B 53 -7.69 0.41 -3.36
N THR B 54 -7.96 1.16 -4.44
CA THR B 54 -7.79 0.61 -5.80
C THR B 54 -6.40 0.98 -6.32
N GLY B 55 -5.84 0.15 -7.19
CA GLY B 55 -4.62 0.46 -7.93
C GLY B 55 -4.73 0.07 -9.39
N ARG B 56 -3.90 0.70 -10.22
CA ARG B 56 -3.90 0.51 -11.66
C ARG B 56 -2.47 0.67 -12.17
N ARG B 57 -2.06 -0.26 -13.01
CA ARG B 57 -0.81 -0.16 -13.78
C ARG B 57 -1.14 0.75 -14.98
N ILE B 58 -0.46 1.88 -15.12
CA ILE B 58 -0.73 2.83 -16.22
C ILE B 58 0.58 3.15 -16.92
N HIS B 59 0.50 3.57 -18.17
CA HIS B 59 1.67 3.92 -19.02
C HIS B 59 1.89 5.43 -18.88
N SER B 60 3.14 5.79 -18.62
CA SER B 60 3.61 7.18 -18.57
C SER B 60 4.96 7.23 -19.26
N TYR B 61 5.72 8.28 -19.05
CA TYR B 61 7.03 8.51 -19.71
C TYR B 61 8.00 9.09 -18.70
N ARG B 62 9.28 8.86 -18.91
CA ARG B 62 10.38 9.42 -18.08
C ARG B 62 10.23 10.95 -18.07
N GLY B 63 10.27 11.54 -16.88
CA GLY B 63 10.31 12.99 -16.66
C GLY B 63 8.92 13.59 -16.70
N HIS B 64 7.87 12.77 -16.69
CA HIS B 64 6.48 13.29 -16.65
C HIS B 64 6.12 13.51 -15.19
N LEU B 65 5.52 14.66 -14.88
CA LEU B 65 5.27 15.19 -13.52
C LEU B 65 3.82 14.87 -13.19
N TRP B 66 3.55 14.36 -12.02
CA TRP B 66 2.19 13.97 -11.58
C TRP B 66 1.92 14.57 -10.20
N LEU B 67 0.66 14.80 -9.86
CA LEU B 67 0.30 15.00 -8.45
C LEU B 67 -1.11 14.50 -8.24
N PHE B 68 -1.61 14.50 -7.02
CA PHE B 68 -2.80 13.69 -6.65
C PHE B 68 -3.67 14.49 -5.69
N ARG B 69 -4.99 14.50 -5.96
CA ARG B 69 -5.97 15.33 -5.22
C ARG B 69 -7.19 14.47 -4.87
N ASP B 70 -7.89 14.82 -3.80
CA ASP B 70 -9.31 14.44 -3.58
C ASP B 70 -10.11 14.90 -4.79
N ALA B 71 -10.83 13.98 -5.46
CA ALA B 71 -11.57 14.23 -6.71
C ALA B 71 -12.75 15.17 -6.45
N GLY B 72 -13.32 15.17 -5.24
CA GLY B 72 -14.49 15.98 -4.84
C GLY B 72 -14.14 17.39 -4.37
N THR B 73 -13.02 17.58 -3.65
CA THR B 73 -12.69 18.80 -2.86
C THR B 73 -11.37 19.46 -3.32
N HIS B 74 -10.58 18.74 -4.10
CA HIS B 74 -9.21 19.12 -4.54
C HIS B 74 -8.25 19.24 -3.36
N ASP B 75 -8.61 18.69 -2.20
CA ASP B 75 -7.65 18.53 -1.08
C ASP B 75 -6.41 17.83 -1.64
N GLY B 76 -5.22 18.32 -1.33
CA GLY B 76 -3.94 17.76 -1.78
C GLY B 76 -3.60 16.48 -1.02
N LEU B 77 -2.95 15.54 -1.71
CA LEU B 77 -2.53 14.20 -1.20
C LEU B 77 -1.03 14.02 -1.45
N LEU B 78 -0.41 13.02 -0.80
CA LEU B 78 1.02 12.69 -1.02
C LEU B 78 1.15 11.49 -1.94
N VAL B 79 2.33 11.33 -2.53
CA VAL B 79 2.72 10.15 -3.32
C VAL B 79 4.17 9.84 -2.91
N ASN B 80 4.38 8.70 -2.21
CA ASN B 80 5.73 8.28 -1.75
C ASN B 80 6.30 9.38 -0.88
N GLN B 81 5.44 9.90 0.00
CA GLN B 81 5.75 10.82 1.10
C GLN B 81 6.08 12.23 0.59
N THR B 82 5.88 12.58 -0.69
CA THR B 82 6.09 13.97 -1.24
C THR B 82 4.87 14.38 -2.08
N GLU B 83 4.91 15.54 -2.75
CA GLU B 83 3.72 16.09 -3.47
C GLU B 83 3.79 15.78 -4.96
N LEU B 84 4.98 15.83 -5.55
CA LEU B 84 5.20 15.48 -6.97
C LEU B 84 5.70 14.05 -7.13
N PHE B 85 5.27 13.36 -8.18
CA PHE B 85 5.77 12.03 -8.60
C PHE B 85 6.31 12.12 -10.03
N VAL B 86 7.55 11.68 -10.23
CA VAL B 86 8.25 11.66 -11.55
C VAL B 86 8.88 10.29 -11.73
N PRO B 87 8.47 9.50 -12.74
CA PRO B 87 9.13 8.24 -13.04
C PRO B 87 10.54 8.37 -13.65
N SER B 88 11.44 7.51 -13.17
CA SER B 88 12.66 7.00 -13.85
C SER B 88 12.26 6.16 -15.08
N LEU B 89 13.25 5.71 -15.87
CA LEU B 89 13.16 4.44 -16.67
C LEU B 89 12.97 3.27 -15.70
N ASN B 90 12.07 2.36 -16.07
CA ASN B 90 11.98 1.00 -15.47
C ASN B 90 13.36 0.34 -15.63
N VAL B 91 13.85 -0.30 -14.57
CA VAL B 91 15.05 -1.19 -14.60
C VAL B 91 14.54 -2.61 -14.87
N ASP B 92 14.89 -3.18 -16.02
CA ASP B 92 14.61 -4.61 -16.34
C ASP B 92 13.09 -4.86 -16.35
N GLY B 93 12.30 -3.98 -16.94
CA GLY B 93 10.83 -4.10 -17.02
C GLY B 93 10.11 -4.05 -15.66
N GLN B 94 10.74 -3.64 -14.56
CA GLN B 94 10.04 -3.46 -13.25
C GLN B 94 9.23 -2.15 -13.27
N PRO B 95 7.91 -2.19 -12.99
CA PRO B 95 7.13 -0.96 -12.92
C PRO B 95 7.59 -0.10 -11.73
N ILE B 96 7.45 1.23 -11.82
CA ILE B 96 7.66 2.20 -10.71
C ILE B 96 6.34 2.25 -9.93
N PHE B 97 6.39 2.21 -8.61
CA PHE B 97 5.18 2.23 -7.76
C PHE B 97 5.02 3.63 -7.17
N ALA B 98 3.79 4.14 -7.20
CA ALA B 98 3.37 5.44 -6.64
C ALA B 98 2.32 5.20 -5.56
N ASN B 99 2.75 5.24 -4.30
CA ASN B 99 1.90 5.02 -3.09
C ASN B 99 1.20 6.33 -2.67
N ILE B 100 -0.09 6.46 -2.96
CA ILE B 100 -0.89 7.72 -2.76
C ILE B 100 -1.58 7.65 -1.40
N THR B 101 -1.25 8.58 -0.50
CA THR B 101 -1.74 8.64 0.91
C THR B 101 -2.27 10.04 1.23
N LEU B 102 -3.04 10.13 2.32
CA LEU B 102 -3.30 11.40 3.04
C LEU B 102 -1.96 11.97 3.48
N PRO B 103 -1.77 13.29 3.43
CA PRO B 103 -0.75 13.93 4.24
C PRO B 103 -1.28 14.07 5.68
N VAL B 104 -0.42 14.48 6.60
CA VAL B 104 -0.87 15.08 7.88
C VAL B 104 -1.20 16.56 7.63
N TYR B 105 -2.46 16.83 7.34
CA TYR B 105 -3.04 18.18 7.31
C TYR B 105 -2.82 18.84 8.67
N THR B 106 -2.58 20.14 8.69
CA THR B 106 -2.72 20.98 9.91
C THR B 106 -4.14 20.72 10.47
N LEU B 107 -4.34 20.87 11.77
CA LEU B 107 -5.70 20.79 12.36
C LEU B 107 -6.59 21.88 11.74
N LYS B 108 -6.06 23.10 11.57
CA LYS B 108 -6.83 24.22 10.97
C LYS B 108 -7.40 23.77 9.61
N GLU B 109 -6.52 23.19 8.78
CA GLU B 109 -6.91 22.84 7.39
C GLU B 109 -7.91 21.69 7.45
N ARG B 110 -7.70 20.74 8.35
CA ARG B 110 -8.61 19.58 8.47
C ARG B 110 -9.98 20.08 8.93
N CYS B 111 -10.03 21.07 9.81
CA CYS B 111 -11.31 21.64 10.29
C CYS B 111 -11.98 22.36 9.11
N LEU B 112 -11.24 23.09 8.30
CA LEU B 112 -11.85 23.78 7.11
C LEU B 112 -12.47 22.70 6.19
N GLN B 113 -11.78 21.57 6.00
CA GLN B 113 -12.24 20.50 5.08
C GLN B 113 -13.61 20.00 5.58
N VAL B 114 -13.75 19.78 6.88
CA VAL B 114 -14.97 19.17 7.50
C VAL B 114 -16.15 20.16 7.46
N VAL B 115 -15.90 21.44 7.74
CA VAL B 115 -16.95 22.50 7.71
C VAL B 115 -17.45 22.65 6.26
N ARG B 116 -16.51 22.80 5.31
CA ARG B 116 -16.79 22.85 3.84
C ARG B 116 -17.63 21.63 3.46
N SER B 117 -17.40 20.46 4.04
CA SER B 117 -18.11 19.20 3.67
C SER B 117 -19.54 19.18 4.25
N LEU B 118 -19.83 19.98 5.27
CA LEU B 118 -21.11 19.94 6.03
C LEU B 118 -22.00 21.16 5.73
N VAL B 119 -21.42 22.18 5.05
CA VAL B 119 -22.05 23.52 4.86
C VAL B 119 -21.90 23.91 3.39
N LYS B 120 -23.03 24.26 2.77
CA LYS B 120 -23.14 24.84 1.41
C LYS B 120 -22.43 26.19 1.41
N PRO B 121 -21.58 26.51 0.40
CA PRO B 121 -20.86 27.79 0.33
C PRO B 121 -21.65 29.09 0.55
N GLU B 122 -22.96 29.11 0.26
CA GLU B 122 -23.82 30.32 0.50
C GLU B 122 -23.91 30.56 2.01
N ASN B 123 -23.87 29.49 2.80
CA ASN B 123 -24.23 29.53 4.22
C ASN B 123 -22.97 29.71 5.08
N TYR B 124 -21.77 29.81 4.48
CA TYR B 124 -20.47 29.96 5.19
C TYR B 124 -20.57 31.18 6.15
N ARG B 125 -21.06 32.32 5.68
CA ARG B 125 -21.05 33.57 6.50
C ARG B 125 -22.21 33.58 7.50
N ARG B 126 -23.06 32.53 7.52
CA ARG B 126 -24.14 32.33 8.55
C ARG B 126 -23.65 31.45 9.74
N LEU B 127 -22.37 31.07 9.78
CA LEU B 127 -21.75 30.31 10.92
C LEU B 127 -21.30 31.29 12.01
N ASP B 128 -21.41 30.90 13.28
CA ASP B 128 -21.09 31.75 14.48
C ASP B 128 -19.61 31.56 14.84
N ILE B 129 -18.72 32.17 14.05
CA ILE B 129 -17.24 31.98 14.12
C ILE B 129 -16.53 33.32 13.95
N VAL B 130 -15.28 33.42 14.44
CA VAL B 130 -14.31 34.51 14.14
C VAL B 130 -14.39 34.81 12.63
N ARG B 131 -14.56 36.07 12.23
CA ARG B 131 -14.98 36.46 10.85
C ARG B 131 -13.89 36.12 9.84
N SER B 132 -12.60 36.23 10.22
CA SER B 132 -11.41 35.89 9.37
C SER B 132 -11.49 34.46 8.80
N LEU B 133 -12.32 33.59 9.41
CA LEU B 133 -12.45 32.15 9.02
C LEU B 133 -13.40 32.00 7.81
N TYR B 134 -14.26 32.98 7.53
CA TYR B 134 -15.12 33.04 6.31
C TYR B 134 -14.26 33.00 5.02
N GLU B 135 -13.22 33.86 4.97
CA GLU B 135 -12.20 33.90 3.87
C GLU B 135 -11.47 32.56 3.74
N ASP B 136 -11.02 31.99 4.86
CA ASP B 136 -10.29 30.69 4.90
C ASP B 136 -11.18 29.60 4.33
N LEU B 137 -12.49 29.59 4.69
CA LEU B 137 -13.45 28.56 4.19
C LEU B 137 -13.64 28.66 2.66
N GLU B 138 -13.70 29.89 2.14
CA GLU B 138 -13.91 30.22 0.71
C GLU B 138 -12.62 30.00 -0.10
N ASP B 139 -11.43 30.06 0.51
CA ASP B 139 -10.13 29.86 -0.20
C ASP B 139 -9.95 28.35 -0.45
N HIS B 140 -10.82 27.76 -1.30
CA HIS B 140 -10.87 26.30 -1.58
C HIS B 140 -9.51 25.82 -2.11
N PRO B 141 -9.07 24.61 -1.71
CA PRO B 141 -7.75 24.11 -2.13
C PRO B 141 -7.72 23.95 -3.66
N ASN B 142 -6.58 24.19 -4.30
CA ASN B 142 -6.50 23.93 -5.76
C ASN B 142 -5.06 23.78 -6.23
N VAL B 143 -4.92 23.15 -7.40
CA VAL B 143 -3.63 22.71 -7.98
C VAL B 143 -2.76 23.94 -8.25
N GLN B 144 -3.36 24.98 -8.79
CA GLN B 144 -2.65 26.23 -9.21
C GLN B 144 -2.02 26.92 -8.01
N LYS B 145 -2.70 26.90 -6.87
CA LYS B 145 -2.17 27.44 -5.60
C LYS B 145 -0.90 26.65 -5.24
N ASP B 146 -1.01 25.33 -5.12
CA ASP B 146 0.09 24.43 -4.69
C ASP B 146 1.20 24.44 -5.76
N LEU B 147 0.85 24.50 -7.05
CA LEU B 147 1.85 24.58 -8.13
C LEU B 147 2.80 25.75 -7.89
N GLU B 148 2.25 26.92 -7.55
CA GLU B 148 3.02 28.16 -7.33
C GLU B 148 3.92 28.00 -6.10
N ARG B 149 3.40 27.39 -5.02
CA ARG B 149 4.20 27.14 -3.79
C ARG B 149 5.38 26.21 -4.12
N LEU B 150 5.12 25.10 -4.82
CA LEU B 150 6.16 24.08 -5.15
C LEU B 150 7.18 24.72 -6.07
N THR B 151 6.74 25.58 -6.99
CA THR B 151 7.65 26.33 -7.90
C THR B 151 8.59 27.21 -7.08
N GLN B 152 8.09 27.91 -6.06
CA GLN B 152 8.90 28.82 -5.21
C GLN B 152 9.94 27.99 -4.45
N GLU B 153 9.54 26.84 -3.92
CA GLU B 153 10.45 25.86 -3.24
C GLU B 153 11.59 25.47 -4.18
N ARG B 154 11.29 25.05 -5.42
CA ARG B 154 12.30 24.67 -6.46
C ARG B 154 13.25 25.82 -6.77
N ILE B 155 12.75 27.06 -6.88
CA ILE B 155 13.56 28.30 -7.15
C ILE B 155 14.72 28.35 -6.17
N ALA B 156 14.49 27.94 -4.91
CA ALA B 156 15.52 27.74 -3.85
C ALA B 156 15.95 26.26 -3.81
N HIS B 157 16.99 25.90 -4.57
CA HIS B 157 17.47 24.51 -4.83
C HIS B 157 17.88 23.85 -3.52
N MET C 1 9.80 17.20 30.14
CA MET C 1 9.23 16.04 29.41
C MET C 1 7.73 16.30 29.16
N TYR C 2 6.95 16.60 30.19
CA TYR C 2 5.48 16.86 30.07
C TYR C 2 5.15 18.31 30.42
N VAL C 3 4.09 18.87 29.85
CA VAL C 3 3.56 20.20 30.22
C VAL C 3 2.06 20.07 30.51
N LYS C 4 1.50 20.97 31.30
CA LYS C 4 0.06 21.01 31.63
C LYS C 4 -0.65 22.08 30.78
N LEU C 5 -1.70 21.68 30.06
CA LEU C 5 -2.64 22.59 29.35
C LEU C 5 -3.95 22.59 30.11
N ILE C 6 -4.45 23.78 30.47
CA ILE C 6 -5.69 23.95 31.28
C ILE C 6 -6.77 24.60 30.41
N SER C 7 -7.90 23.91 30.27
CA SER C 7 -9.10 24.39 29.52
C SER C 7 -9.79 25.48 30.35
N SER C 8 -10.77 26.15 29.75
CA SER C 8 -11.53 27.25 30.38
C SER C 8 -12.33 26.72 31.58
N ASP C 9 -12.75 25.45 31.58
CA ASP C 9 -13.57 24.86 32.69
C ASP C 9 -12.65 24.16 33.72
N GLY C 10 -11.33 24.32 33.60
CA GLY C 10 -10.37 23.87 34.63
C GLY C 10 -9.94 22.41 34.52
N HIS C 11 -10.17 21.74 33.38
CA HIS C 11 -9.59 20.41 33.05
C HIS C 11 -8.11 20.61 32.73
N GLU C 12 -7.25 19.82 33.37
CA GLU C 12 -5.78 19.83 33.15
C GLU C 12 -5.42 18.67 32.21
N PHE C 13 -4.64 18.94 31.19
CA PHE C 13 -4.21 17.97 30.16
C PHE C 13 -2.68 17.91 30.25
N ILE C 14 -2.14 16.78 30.69
CA ILE C 14 -0.68 16.55 30.74
C ILE C 14 -0.28 15.82 29.47
N VAL C 15 0.47 16.49 28.59
CA VAL C 15 0.93 15.99 27.26
C VAL C 15 2.45 16.13 27.19
N LYS C 16 3.10 15.41 26.29
CA LYS C 16 4.57 15.57 26.07
C LYS C 16 4.84 16.98 25.51
N ARG C 17 5.89 17.64 25.98
CA ARG C 17 6.35 18.96 25.52
C ARG C 17 6.45 18.90 23.98
N GLU C 18 7.12 17.87 23.45
CA GLU C 18 7.39 17.70 22.00
C GLU C 18 6.07 17.76 21.24
N HIS C 19 5.00 17.17 21.79
CA HIS C 19 3.65 17.10 21.17
C HIS C 19 2.96 18.47 21.23
N ALA C 20 2.97 19.15 22.39
CA ALA C 20 2.40 20.50 22.57
C ALA C 20 3.05 21.47 21.56
N LEU C 21 4.37 21.36 21.33
CA LEU C 21 5.17 22.28 20.47
C LEU C 21 4.69 22.20 19.02
N THR C 22 3.82 21.25 18.69
CA THR C 22 3.07 21.18 17.42
C THR C 22 2.30 22.49 17.20
N SER C 23 1.78 23.10 18.27
CA SER C 23 1.07 24.41 18.27
C SER C 23 2.07 25.58 18.29
N GLY C 24 2.10 26.37 17.22
CA GLY C 24 2.91 27.60 17.10
C GLY C 24 2.68 28.53 18.27
N THR C 25 1.42 28.73 18.66
CA THR C 25 1.01 29.57 19.81
C THR C 25 1.66 29.00 21.08
N ILE C 26 1.35 27.75 21.45
CA ILE C 26 1.97 27.07 22.64
C ILE C 26 3.49 27.20 22.58
N LYS C 27 4.10 26.86 21.44
CA LYS C 27 5.57 26.87 21.24
C LYS C 27 6.15 28.22 21.69
N ALA C 28 5.42 29.32 21.48
CA ALA C 28 5.86 30.71 21.81
C ALA C 28 5.71 30.95 23.30
N MET C 29 4.54 30.63 23.86
CA MET C 29 4.16 30.85 25.28
C MET C 29 5.08 30.08 26.25
N LEU C 30 5.93 29.15 25.77
CA LEU C 30 6.87 28.34 26.60
C LEU C 30 8.28 28.94 26.50
N THR C 41 8.92 28.00 31.02
CA THR C 41 7.89 27.52 32.00
C THR C 41 7.18 26.30 31.38
N ASN C 42 6.22 25.67 32.10
CA ASN C 42 5.66 24.36 31.69
C ASN C 42 4.14 24.24 31.98
N GLU C 43 3.45 25.31 32.37
CA GLU C 43 1.97 25.29 32.53
C GLU C 43 1.40 26.31 31.54
N VAL C 44 0.23 26.05 30.94
CA VAL C 44 -0.38 26.98 29.94
C VAL C 44 -1.89 26.99 30.15
N ASN C 45 -2.42 28.18 30.45
CA ASN C 45 -3.84 28.41 30.81
C ASN C 45 -4.54 28.95 29.56
N PHE C 46 -5.62 28.30 29.09
CA PHE C 46 -6.47 28.76 27.95
C PHE C 46 -7.85 29.15 28.45
N ARG C 47 -8.07 30.46 28.61
CA ARG C 47 -9.31 31.04 29.20
C ARG C 47 -10.52 30.84 28.26
N GLU C 48 -10.28 30.55 26.98
CA GLU C 48 -11.29 30.60 25.89
C GLU C 48 -11.45 29.25 25.16
N ILE C 49 -10.61 28.23 25.43
CA ILE C 49 -10.75 26.86 24.84
C ILE C 49 -11.30 25.91 25.90
N PRO C 50 -12.53 25.36 25.74
CA PRO C 50 -13.10 24.43 26.71
C PRO C 50 -12.62 22.98 26.53
N SER C 51 -12.85 22.14 27.54
CA SER C 51 -12.26 20.78 27.71
C SER C 51 -12.59 19.86 26.53
N HIS C 52 -13.84 19.88 26.02
CA HIS C 52 -14.27 19.03 24.86
C HIS C 52 -13.52 19.43 23.59
N VAL C 53 -13.01 20.66 23.52
CA VAL C 53 -12.14 21.11 22.40
C VAL C 53 -10.66 20.81 22.73
N LEU C 54 -10.19 21.12 23.92
CA LEU C 54 -8.74 21.01 24.24
C LEU C 54 -8.29 19.54 24.19
N SER C 55 -9.12 18.60 24.66
CA SER C 55 -8.82 17.15 24.61
C SER C 55 -8.61 16.71 23.15
N LYS C 56 -9.48 17.16 22.25
CA LYS C 56 -9.42 16.83 20.80
C LYS C 56 -8.14 17.43 20.19
N VAL C 57 -7.71 18.59 20.65
CA VAL C 57 -6.47 19.26 20.20
C VAL C 57 -5.28 18.38 20.60
N CYS C 58 -5.27 17.93 21.85
CA CYS C 58 -4.26 16.98 22.37
C CYS C 58 -4.20 15.71 21.49
N MET C 59 -5.35 15.15 21.11
CA MET C 59 -5.44 13.95 20.21
C MET C 59 -4.82 14.30 18.86
N TYR C 60 -5.01 15.51 18.36
CA TYR C 60 -4.40 15.94 17.09
C TYR C 60 -2.89 15.96 17.25
N PHE C 61 -2.39 16.42 18.41
CA PHE C 61 -0.93 16.46 18.68
C PHE C 61 -0.36 15.03 18.58
N THR C 62 -1.01 14.06 19.23
CA THR C 62 -0.60 12.63 19.24
C THR C 62 -0.53 12.15 17.78
N TYR C 63 -1.61 12.38 17.07
CA TYR C 63 -1.81 11.98 15.66
C TYR C 63 -0.68 12.56 14.80
N LYS C 64 -0.33 13.82 15.02
CA LYS C 64 0.60 14.55 14.14
C LYS C 64 2.01 13.95 14.30
N VAL C 65 2.48 13.83 15.53
CA VAL C 65 3.83 13.30 15.85
C VAL C 65 3.93 11.85 15.38
N ARG C 66 2.88 11.05 15.58
CA ARG C 66 2.84 9.62 15.17
C ARG C 66 3.00 9.49 13.65
N TYR C 67 2.25 10.26 12.86
CA TYR C 67 2.07 9.98 11.41
C TYR C 67 2.92 10.90 10.53
N THR C 68 3.40 12.02 11.05
CA THR C 68 4.29 12.91 10.29
C THR C 68 5.51 12.10 9.86
N ASN C 69 5.78 12.07 8.57
CA ASN C 69 6.99 11.39 8.02
C ASN C 69 6.94 9.89 8.33
N SER C 70 5.77 9.27 8.24
CA SER C 70 5.58 7.81 8.44
C SER C 70 5.70 7.09 7.09
N SER C 71 5.74 5.75 7.11
CA SER C 71 5.69 4.85 5.93
C SER C 71 4.41 3.97 5.97
N THR C 72 3.91 3.65 7.17
CA THR C 72 2.55 3.07 7.37
C THR C 72 1.51 4.01 6.75
N GLU C 73 0.39 3.43 6.30
CA GLU C 73 -0.76 4.18 5.79
C GLU C 73 -1.18 5.13 6.91
N ILE C 74 -1.62 6.33 6.52
CA ILE C 74 -2.08 7.40 7.45
C ILE C 74 -3.59 7.32 7.47
N PRO C 75 -4.26 7.21 8.64
CA PRO C 75 -5.70 7.31 8.71
C PRO C 75 -6.19 8.77 8.74
N GLU C 76 -7.45 8.99 8.41
CA GLU C 76 -8.10 10.31 8.46
C GLU C 76 -8.19 10.74 9.92
N PHE C 77 -7.89 11.99 10.21
CA PHE C 77 -8.21 12.64 11.52
C PHE C 77 -9.71 12.91 11.61
N PRO C 78 -10.49 12.19 12.44
CA PRO C 78 -11.95 12.35 12.45
C PRO C 78 -12.39 13.60 13.21
N ILE C 79 -13.41 14.31 12.70
CA ILE C 79 -14.05 15.42 13.46
C ILE C 79 -15.58 15.31 13.42
N ALA C 80 -16.22 15.19 14.58
CA ALA C 80 -17.70 15.21 14.72
C ALA C 80 -18.22 16.56 14.20
N PRO C 81 -19.36 16.57 13.47
CA PRO C 81 -19.99 17.84 13.10
C PRO C 81 -20.16 18.82 14.28
N GLU C 82 -20.43 18.33 15.49
CA GLU C 82 -20.85 19.22 16.62
C GLU C 82 -19.64 19.92 17.25
N ILE C 83 -18.38 19.49 17.00
CA ILE C 83 -17.19 20.16 17.61
C ILE C 83 -16.39 20.91 16.54
N ALA C 84 -16.74 20.73 15.27
CA ALA C 84 -16.01 21.26 14.07
C ALA C 84 -15.77 22.79 14.13
N LEU C 85 -16.78 23.60 14.48
CA LEU C 85 -16.67 25.08 14.48
C LEU C 85 -15.71 25.51 15.60
N GLU C 86 -15.97 25.09 16.85
CA GLU C 86 -15.07 25.36 18.01
C GLU C 86 -13.66 24.88 17.69
N LEU C 87 -13.51 23.63 17.25
CA LEU C 87 -12.17 23.06 16.90
C LEU C 87 -11.48 23.94 15.86
N LEU C 88 -12.22 24.45 14.86
CA LEU C 88 -11.65 25.37 13.84
C LEU C 88 -11.01 26.56 14.57
N MET C 89 -11.76 27.21 15.47
CA MET C 89 -11.34 28.47 16.15
C MET C 89 -10.14 28.19 17.08
N ALA C 90 -10.20 27.11 17.84
CA ALA C 90 -9.04 26.57 18.60
C ALA C 90 -7.78 26.46 17.69
N ALA C 91 -7.90 25.70 16.60
CA ALA C 91 -6.80 25.44 15.63
C ALA C 91 -6.26 26.77 15.10
N ASN C 92 -7.17 27.72 14.85
CA ASN C 92 -6.84 29.04 14.27
C ASN C 92 -6.06 29.87 15.29
N PHE C 93 -6.48 29.80 16.56
CA PHE C 93 -5.80 30.48 17.70
C PHE C 93 -4.47 29.79 18.04
N LEU C 94 -4.42 28.45 17.96
CA LEU C 94 -3.24 27.63 18.38
C LEU C 94 -2.20 27.49 17.27
N ASP C 95 -2.51 27.92 16.04
CA ASP C 95 -1.59 27.84 14.86
C ASP C 95 -1.01 26.42 14.74
N CYS C 96 -1.87 25.40 14.57
CA CYS C 96 -1.47 23.99 14.32
C CYS C 96 -2.46 23.31 13.37
N MET D 1 2.18 -3.81 18.93
CA MET D 1 2.79 -2.46 18.80
C MET D 1 2.01 -1.47 19.69
N ASP D 2 1.97 -0.18 19.30
CA ASP D 2 1.70 0.95 20.23
C ASP D 2 0.18 1.11 20.44
N VAL D 3 -0.24 1.39 21.67
CA VAL D 3 -1.64 1.76 22.01
C VAL D 3 -1.61 3.17 22.61
N PHE D 4 -2.65 3.95 22.38
CA PHE D 4 -2.67 5.40 22.72
C PHE D 4 -3.79 5.66 23.70
N LEU D 5 -3.45 6.27 24.84
CA LEU D 5 -4.33 6.29 26.03
C LEU D 5 -4.60 7.71 26.47
N MET D 6 -5.74 7.89 27.13
CA MET D 6 -6.03 9.00 28.06
C MET D 6 -6.20 8.43 29.47
N ILE D 7 -5.30 8.79 30.38
CA ILE D 7 -5.43 8.29 31.79
C ILE D 7 -6.14 9.41 32.54
N ARG D 8 -7.31 9.12 33.08
CA ARG D 8 -8.20 10.21 33.55
C ARG D 8 -8.60 9.97 35.00
N ARG D 9 -8.47 11.04 35.77
CA ARG D 9 -8.91 11.11 37.17
C ARG D 9 -9.42 12.51 37.47
N HIS D 10 -10.62 12.63 38.02
CA HIS D 10 -11.22 13.94 38.37
C HIS D 10 -11.07 14.82 37.12
N LYS D 11 -10.32 15.94 37.18
CA LYS D 11 -10.15 16.89 36.04
C LYS D 11 -8.72 16.85 35.50
N THR D 12 -8.02 15.71 35.68
CA THR D 12 -6.66 15.48 35.14
C THR D 12 -6.77 14.42 34.04
N THR D 13 -6.15 14.67 32.88
CA THR D 13 -6.09 13.73 31.74
C THR D 13 -4.64 13.70 31.27
N ILE D 14 -3.99 12.53 31.41
CA ILE D 14 -2.64 12.26 30.84
C ILE D 14 -2.78 11.60 29.47
N PHE D 15 -2.19 12.22 28.44
CA PHE D 15 -2.01 11.63 27.09
C PHE D 15 -0.68 10.92 27.09
N THR D 16 -0.69 9.59 26.92
CA THR D 16 0.53 8.76 26.79
C THR D 16 0.27 7.63 25.81
N ASP D 17 1.34 7.04 25.28
CA ASP D 17 1.34 5.77 24.51
C ASP D 17 1.99 4.68 25.36
N ALA D 18 1.74 3.40 25.05
CA ALA D 18 2.47 2.23 25.59
C ALA D 18 2.36 1.09 24.58
N LYS D 19 3.03 -0.03 24.85
CA LYS D 19 2.93 -1.23 23.96
C LYS D 19 1.77 -2.10 24.44
N GLU D 20 1.11 -2.77 23.50
CA GLU D 20 0.06 -3.78 23.74
C GLU D 20 0.60 -4.81 24.75
N SER D 21 1.89 -5.14 24.63
CA SER D 21 2.59 -6.21 25.38
C SER D 21 2.97 -5.72 26.79
N SER D 22 3.03 -4.41 27.03
CA SER D 22 3.38 -3.82 28.36
C SER D 22 2.22 -4.06 29.33
N THR D 23 2.51 -3.98 30.64
CA THR D 23 1.61 -4.44 31.73
C THR D 23 0.95 -3.24 32.40
N VAL D 24 -0.17 -3.52 33.04
CA VAL D 24 -0.90 -2.52 33.88
C VAL D 24 0.07 -1.92 34.88
N PHE D 25 0.99 -2.72 35.43
CA PHE D 25 1.97 -2.23 36.43
C PHE D 25 2.94 -1.23 35.79
N GLU D 26 3.41 -1.53 34.58
CA GLU D 26 4.30 -0.62 33.83
C GLU D 26 3.56 0.70 33.53
N LEU D 27 2.22 0.69 33.43
CA LEU D 27 1.43 1.93 33.18
C LEU D 27 1.42 2.74 34.49
N LYS D 28 1.28 2.06 35.63
CA LYS D 28 1.33 2.74 36.95
C LYS D 28 2.69 3.41 37.12
N ARG D 29 3.76 2.80 36.61
CA ARG D 29 5.12 3.38 36.70
C ARG D 29 5.21 4.61 35.79
N ILE D 30 4.59 4.59 34.62
CA ILE D 30 4.48 5.79 33.74
C ILE D 30 3.80 6.91 34.56
N VAL D 31 2.65 6.61 35.20
CA VAL D 31 1.86 7.59 36.03
C VAL D 31 2.74 8.11 37.17
N GLU D 32 3.45 7.22 37.86
CA GLU D 32 4.34 7.60 38.97
C GLU D 32 5.40 8.60 38.47
N GLY D 33 5.92 8.43 37.27
CA GLY D 33 6.92 9.36 36.73
C GLY D 33 6.33 10.74 36.55
N ILE D 34 5.02 10.81 36.28
CA ILE D 34 4.29 12.07 35.96
C ILE D 34 3.71 12.68 37.23
N LEU D 35 2.98 11.90 38.03
CA LEU D 35 2.18 12.44 39.15
C LEU D 35 2.76 12.07 40.51
N LYS D 36 3.93 11.44 40.53
CA LYS D 36 4.71 11.11 41.75
C LYS D 36 3.82 10.40 42.76
N ARG D 37 2.99 9.49 42.30
CA ARG D 37 2.27 8.56 43.21
C ARG D 37 2.69 7.15 42.85
N PRO D 38 3.08 6.35 43.86
CA PRO D 38 3.61 5.02 43.61
C PRO D 38 2.50 4.10 43.14
N PRO D 39 2.84 3.02 42.42
CA PRO D 39 1.85 2.03 41.99
C PRO D 39 0.86 1.58 43.08
N ASP D 40 1.29 1.38 44.31
CA ASP D 40 0.40 0.84 45.37
C ASP D 40 -0.57 1.94 45.82
N GLU D 41 -0.42 3.15 45.29
CA GLU D 41 -1.34 4.28 45.55
C GLU D 41 -2.30 4.46 44.38
N GLN D 42 -2.30 3.54 43.40
CA GLN D 42 -3.11 3.62 42.16
C GLN D 42 -4.02 2.40 41.97
N ARG D 43 -5.27 2.62 41.56
CA ARG D 43 -6.12 1.64 40.85
C ARG D 43 -6.39 2.16 39.43
N LEU D 44 -6.11 1.34 38.43
CA LEU D 44 -6.46 1.61 37.01
C LEU D 44 -7.69 0.77 36.64
N TYR D 45 -8.58 1.36 35.83
CA TYR D 45 -9.83 0.73 35.36
C TYR D 45 -9.99 0.88 33.85
N LYS D 46 -10.68 -0.08 33.26
CA LYS D 46 -11.32 -0.01 31.92
C LYS D 46 -12.83 -0.11 32.11
N ASP D 47 -13.58 0.93 31.77
CA ASP D 47 -15.06 0.95 31.89
C ASP D 47 -15.45 0.29 33.22
N ASP D 48 -14.94 0.79 34.34
CA ASP D 48 -15.44 0.41 35.70
C ASP D 48 -14.88 -0.92 36.20
N GLN D 49 -14.05 -1.61 35.42
CA GLN D 49 -13.47 -2.92 35.81
C GLN D 49 -12.01 -2.72 36.20
N LEU D 50 -11.64 -3.21 37.38
CA LEU D 50 -10.29 -3.02 37.97
C LEU D 50 -9.28 -3.85 37.16
N LEU D 51 -8.17 -3.23 36.76
CA LEU D 51 -7.11 -3.89 35.94
C LEU D 51 -6.05 -4.52 36.84
N ASP D 52 -5.80 -5.82 36.71
CA ASP D 52 -4.73 -6.53 37.47
C ASP D 52 -3.36 -6.07 36.96
N ASP D 53 -2.39 -5.91 37.87
CA ASP D 53 -1.03 -5.38 37.62
C ASP D 53 -0.28 -6.24 36.60
N GLY D 54 -0.44 -7.57 36.65
CA GLY D 54 0.35 -8.54 35.86
C GLY D 54 -0.17 -8.71 34.44
N LYS D 55 -1.35 -8.15 34.13
CA LYS D 55 -2.05 -8.31 32.82
C LYS D 55 -1.43 -7.33 31.82
N THR D 56 -1.35 -7.72 30.54
CA THR D 56 -0.86 -6.82 29.47
C THR D 56 -2.01 -5.88 29.07
N LEU D 57 -1.67 -4.74 28.47
CA LEU D 57 -2.66 -3.75 27.98
C LEU D 57 -3.54 -4.42 26.91
N GLY D 58 -2.94 -5.20 26.01
CA GLY D 58 -3.64 -6.06 25.04
C GLY D 58 -4.62 -7.01 25.70
N GLU D 59 -4.24 -7.61 26.84
CA GLU D 59 -5.09 -8.59 27.57
C GLU D 59 -6.25 -7.87 28.24
N CYS D 60 -6.11 -6.58 28.54
CA CYS D 60 -7.16 -5.73 29.16
C CYS D 60 -8.16 -5.22 28.13
N GLY D 61 -7.83 -5.32 26.83
CA GLY D 61 -8.69 -4.94 25.70
C GLY D 61 -8.20 -3.71 24.96
N PHE D 62 -7.02 -3.17 25.35
CA PHE D 62 -6.37 -2.02 24.68
C PHE D 62 -5.53 -2.54 23.50
N THR D 63 -6.03 -2.35 22.28
CA THR D 63 -5.43 -2.84 21.00
C THR D 63 -5.17 -1.63 20.10
N SER D 64 -4.34 -1.80 19.08
CA SER D 64 -4.10 -0.82 18.00
C SER D 64 -5.42 -0.34 17.38
N GLN D 65 -6.45 -1.18 17.33
CA GLN D 65 -7.76 -0.88 16.71
C GLN D 65 -8.65 -0.05 17.66
N THR D 66 -8.55 -0.19 18.98
CA THR D 66 -9.45 0.44 19.98
C THR D 66 -8.82 1.63 20.71
N ALA D 67 -7.54 1.91 20.45
CA ALA D 67 -6.73 2.92 21.18
C ALA D 67 -5.77 3.60 20.21
N ARG D 68 -6.29 4.48 19.37
CA ARG D 68 -5.55 5.08 18.23
C ARG D 68 -5.09 6.48 18.62
N PRO D 69 -4.03 7.00 17.99
CA PRO D 69 -3.54 8.34 18.31
C PRO D 69 -4.67 9.38 18.24
N GLN D 70 -5.53 9.30 17.23
CA GLN D 70 -6.60 10.29 16.96
C GLN D 70 -7.87 9.95 17.76
N ALA D 71 -7.91 8.80 18.43
CA ALA D 71 -9.07 8.31 19.23
C ALA D 71 -8.57 7.37 20.33
N PRO D 72 -7.88 7.92 21.35
CA PRO D 72 -7.24 7.10 22.37
C PRO D 72 -8.27 6.49 23.30
N ALA D 73 -7.94 5.34 23.91
CA ALA D 73 -8.83 4.67 24.88
C ALA D 73 -8.65 5.33 26.24
N THR D 74 -9.69 5.30 27.04
CA THR D 74 -9.69 5.89 28.41
C THR D 74 -9.33 4.83 29.45
N VAL D 75 -8.34 5.13 30.28
CA VAL D 75 -8.00 4.40 31.53
C VAL D 75 -8.45 5.26 32.72
N GLY D 76 -9.32 4.71 33.57
CA GLY D 76 -9.71 5.36 34.83
C GLY D 76 -8.59 5.24 35.84
N LEU D 77 -8.37 6.27 36.66
CA LEU D 77 -7.34 6.31 37.71
C LEU D 77 -7.99 6.79 39.02
N ALA D 78 -7.79 6.04 40.09
CA ALA D 78 -8.18 6.41 41.46
C ALA D 78 -6.94 6.31 42.34
N PHE D 79 -6.77 7.29 43.22
CA PHE D 79 -5.62 7.36 44.15
C PHE D 79 -6.07 7.00 45.57
N ARG D 80 -5.07 6.61 46.36
CA ARG D 80 -5.20 6.37 47.82
C ARG D 80 -4.87 7.65 48.60
N ALA D 81 -5.64 7.90 49.64
CA ALA D 81 -5.41 8.94 50.63
C ALA D 81 -5.80 8.38 52.00
N ASP D 82 -4.91 8.49 52.99
CA ASP D 82 -5.21 8.05 54.39
C ASP D 82 -5.57 6.56 54.34
N ASP D 83 -4.87 5.82 53.47
CA ASP D 83 -4.90 4.34 53.30
C ASP D 83 -6.24 3.88 52.71
N THR D 84 -7.09 4.81 52.30
CA THR D 84 -8.38 4.51 51.62
C THR D 84 -8.27 4.93 50.16
N PHE D 85 -8.66 4.07 49.24
CA PHE D 85 -8.88 4.42 47.81
C PHE D 85 -10.16 5.23 47.67
N GLU D 86 -10.09 6.34 46.94
CA GLU D 86 -11.28 7.13 46.54
C GLU D 86 -12.11 6.26 45.58
N ALA D 87 -13.40 6.54 45.47
CA ALA D 87 -14.26 6.09 44.36
C ALA D 87 -13.64 6.58 43.05
N LEU D 88 -13.66 5.77 41.98
CA LEU D 88 -13.29 6.26 40.62
C LEU D 88 -14.27 7.39 40.27
N CYS D 89 -13.71 8.56 39.98
CA CYS D 89 -14.46 9.74 39.54
C CYS D 89 -13.72 10.39 38.36
N ILE D 90 -14.32 10.32 37.17
CA ILE D 90 -13.89 11.06 35.95
C ILE D 90 -14.91 12.16 35.66
N GLU D 91 -14.52 13.41 35.87
CA GLU D 91 -15.35 14.57 35.49
C GLU D 91 -15.54 14.54 33.97
N PRO D 92 -16.79 14.62 33.48
CA PRO D 92 -17.03 14.76 32.04
C PRO D 92 -16.34 16.02 31.50
N PHE D 93 -15.96 16.02 30.23
CA PHE D 93 -15.64 17.25 29.48
C PHE D 93 -16.94 18.03 29.22
N SER D 94 -16.81 19.32 28.92
CA SER D 94 -17.91 20.20 28.48
C SER D 94 -18.68 19.58 27.30
N SER D 95 -19.95 19.96 27.12
CA SER D 95 -20.80 19.55 25.98
C SER D 95 -20.70 20.58 24.87
N PRO D 96 -20.63 20.17 23.59
CA PRO D 96 -20.77 21.11 22.48
C PRO D 96 -22.18 21.70 22.39
N PRO D 97 -22.33 22.91 21.79
CA PRO D 97 -23.66 23.48 21.55
C PRO D 97 -24.49 22.65 20.55
N GLU D 98 -25.78 22.97 20.49
CA GLU D 98 -26.74 22.57 19.44
C GLU D 98 -26.06 22.72 18.07
N LEU D 99 -26.12 21.63 17.28
CA LEU D 99 -25.70 21.58 15.85
C LEU D 99 -26.50 22.64 15.07
N PRO D 100 -25.86 23.72 14.55
CA PRO D 100 -26.57 24.75 13.77
C PRO D 100 -27.36 24.21 12.56
N ASP D 101 -28.47 24.89 12.20
CA ASP D 101 -29.38 24.52 11.08
C ASP D 101 -28.59 24.29 9.78
N VAL D 102 -27.63 25.18 9.48
CA VAL D 102 -26.86 25.19 8.20
C VAL D 102 -25.91 23.98 8.11
N MET D 103 -25.70 23.23 9.21
CA MET D 103 -24.90 21.97 9.20
C MET D 103 -25.83 20.75 9.32
N LYS D 104 -27.14 20.95 9.08
CA LYS D 104 -28.15 19.90 8.78
C LYS D 104 -28.79 19.46 10.10
N LEU E 8 59.06 4.97 29.56
CA LEU E 8 58.68 3.56 29.95
C LEU E 8 57.16 3.51 30.15
N SER E 9 56.59 4.36 31.01
CA SER E 9 55.17 4.83 30.97
C SER E 9 55.09 6.25 30.42
N PRO E 10 55.01 6.47 29.09
CA PRO E 10 54.98 7.83 28.53
C PRO E 10 53.84 8.73 29.03
N ASN E 11 52.74 8.19 29.57
CA ASN E 11 51.60 9.05 30.05
C ASN E 11 51.37 8.87 31.55
N PRO E 12 51.04 9.97 32.27
CA PRO E 12 50.64 9.89 33.66
C PRO E 12 49.39 9.03 33.84
N PRO E 13 49.16 8.42 35.03
CA PRO E 13 47.92 7.67 35.29
C PRO E 13 46.63 8.50 35.06
N LYS E 14 46.61 9.78 35.44
CA LYS E 14 45.40 10.66 35.36
C LYS E 14 44.97 10.90 33.90
N LEU E 15 45.90 10.85 32.94
CA LEU E 15 45.62 11.03 31.48
C LEU E 15 45.00 9.76 30.91
N THR E 16 45.46 8.57 31.32
CA THR E 16 44.90 7.26 30.91
C THR E 16 43.49 7.11 31.53
N LYS E 17 43.30 7.60 32.76
CA LYS E 17 41.99 7.63 33.46
C LYS E 17 41.03 8.56 32.71
N GLN E 18 41.52 9.70 32.21
CA GLN E 18 40.73 10.67 31.40
C GLN E 18 40.29 10.00 30.09
N MET E 19 41.24 9.56 29.26
CA MET E 19 41.00 8.91 27.95
C MET E 19 39.95 7.80 28.11
N ASN E 20 40.09 6.91 29.10
CA ASN E 20 39.19 5.74 29.27
C ASN E 20 37.77 6.20 29.59
N ALA E 21 37.60 7.25 30.41
CA ALA E 21 36.28 7.74 30.87
C ALA E 21 35.53 8.41 29.71
N ILE E 22 36.26 9.09 28.81
CA ILE E 22 35.69 9.73 27.59
C ILE E 22 35.16 8.63 26.67
N ILE E 23 36.03 7.71 26.28
CA ILE E 23 35.69 6.58 25.35
C ILE E 23 34.55 5.75 25.96
N ASP E 24 34.57 5.46 27.27
CA ASP E 24 33.49 4.68 27.94
C ASP E 24 32.14 5.39 27.69
N THR E 25 32.10 6.72 27.81
CA THR E 25 30.85 7.53 27.63
C THR E 25 30.35 7.33 26.19
N VAL E 26 31.23 7.55 25.22
CA VAL E 26 30.98 7.37 23.76
C VAL E 26 30.46 5.94 23.51
N ILE E 27 31.18 4.93 23.99
CA ILE E 27 30.84 3.49 23.77
C ILE E 27 29.51 3.15 24.48
N ASN E 28 29.26 3.67 25.68
CA ASN E 28 28.06 3.30 26.47
C ASN E 28 26.84 4.11 26.03
N TYR E 29 27.03 5.21 25.28
CA TYR E 29 25.92 6.14 24.90
C TYR E 29 24.78 5.34 24.25
N LYS E 30 23.55 5.52 24.75
CA LYS E 30 22.29 5.03 24.13
C LYS E 30 21.47 6.24 23.65
N ASP E 31 20.79 6.14 22.50
CA ASP E 31 19.94 7.23 21.91
C ASP E 31 18.62 7.29 22.69
N SER E 32 17.57 7.93 22.17
CA SER E 32 16.25 8.07 22.85
C SER E 32 15.48 6.73 22.82
N SER E 33 15.68 5.91 21.78
CA SER E 33 15.04 4.58 21.61
C SER E 33 15.70 3.57 22.55
N GLY E 34 16.96 3.78 22.92
CA GLY E 34 17.71 2.95 23.89
C GLY E 34 18.75 2.04 23.23
N ARG E 35 19.17 2.28 21.99
CA ARG E 35 20.17 1.41 21.31
C ARG E 35 21.56 2.06 21.40
N GLN E 36 22.56 1.23 21.68
CA GLN E 36 23.99 1.59 21.81
C GLN E 36 24.49 1.94 20.41
N LEU E 37 24.83 3.21 20.15
CA LEU E 37 25.16 3.72 18.79
C LEU E 37 26.53 3.20 18.36
N SER E 38 27.41 2.95 19.34
CA SER E 38 28.78 2.42 19.12
C SER E 38 28.77 0.99 18.57
N GLU E 39 27.65 0.27 18.67
CA GLU E 39 27.61 -1.21 18.57
C GLU E 39 28.42 -1.62 17.34
N VAL E 40 28.10 -1.06 16.18
CA VAL E 40 28.63 -1.47 14.86
C VAL E 40 30.10 -0.98 14.71
N PHE E 41 30.53 -0.04 15.54
CA PHE E 41 31.87 0.59 15.40
C PHE E 41 32.92 -0.07 16.30
N ILE E 42 32.53 -1.01 17.18
CA ILE E 42 33.46 -1.66 18.14
C ILE E 42 34.56 -2.37 17.34
N GLN E 43 34.20 -3.05 16.26
CA GLN E 43 35.12 -3.95 15.51
C GLN E 43 34.85 -3.80 14.01
N LEU E 44 35.86 -3.39 13.25
CA LEU E 44 35.84 -3.39 11.76
C LEU E 44 35.38 -4.75 11.29
N PRO E 45 34.71 -4.84 10.13
CA PRO E 45 34.56 -6.11 9.44
C PRO E 45 35.95 -6.49 8.88
N SER E 46 36.19 -7.77 8.64
CA SER E 46 37.46 -8.30 8.08
C SER E 46 37.54 -7.99 6.58
N ARG E 47 38.76 -8.01 6.04
CA ARG E 47 39.06 -7.77 4.60
C ARG E 47 38.35 -8.83 3.75
N LYS E 48 38.07 -10.01 4.31
CA LYS E 48 37.36 -11.11 3.62
C LYS E 48 35.86 -10.79 3.60
N GLU E 49 35.28 -10.31 4.71
CA GLU E 49 33.83 -9.98 4.82
C GLU E 49 33.48 -8.88 3.81
N LEU E 50 34.30 -7.83 3.75
CA LEU E 50 33.94 -6.58 3.06
C LEU E 50 35.21 -5.94 2.49
N PRO E 51 35.80 -6.50 1.42
CA PRO E 51 37.01 -5.93 0.83
C PRO E 51 36.77 -4.47 0.38
N GLU E 52 35.54 -4.15 -0.01
CA GLU E 52 35.16 -2.81 -0.54
C GLU E 52 35.50 -1.73 0.50
N TYR E 53 35.38 -2.01 1.80
CA TYR E 53 35.74 -1.04 2.87
C TYR E 53 37.23 -0.67 2.77
N TYR E 54 38.09 -1.66 2.50
CA TYR E 54 39.57 -1.48 2.49
C TYR E 54 40.03 -0.94 1.14
N GLU E 55 39.27 -1.13 0.05
CA GLU E 55 39.54 -0.49 -1.27
C GLU E 55 39.42 1.04 -1.11
N LEU E 56 38.58 1.50 -0.18
CA LEU E 56 38.22 2.93 -0.07
C LEU E 56 38.94 3.61 1.10
N ILE E 57 38.95 2.99 2.29
CA ILE E 57 39.47 3.58 3.55
C ILE E 57 40.95 3.22 3.71
N ARG E 58 41.85 4.22 3.67
CA ARG E 58 43.33 4.05 3.72
C ARG E 58 43.78 3.69 5.14
N LYS E 59 43.11 4.22 6.18
CA LYS E 59 43.57 4.16 7.59
C LYS E 59 42.43 3.68 8.50
N PRO E 60 42.07 2.37 8.40
CA PRO E 60 40.98 1.81 9.19
C PRO E 60 41.30 1.80 10.68
N VAL E 61 40.26 1.94 11.50
CA VAL E 61 40.35 2.00 12.98
C VAL E 61 38.95 1.82 13.57
N ASP E 62 38.86 1.09 14.68
CA ASP E 62 37.60 0.77 15.39
C ASP E 62 37.82 1.13 16.85
N PHE E 63 36.81 1.00 17.70
CA PHE E 63 36.92 1.33 19.14
C PHE E 63 37.81 0.28 19.84
N LYS E 64 37.89 -0.96 19.36
CA LYS E 64 38.82 -2.00 19.90
C LYS E 64 40.25 -1.43 19.85
N LYS E 65 40.68 -1.01 18.66
CA LYS E 65 42.04 -0.48 18.42
C LYS E 65 42.28 0.79 19.24
N ILE E 66 41.26 1.63 19.42
CA ILE E 66 41.37 2.93 20.15
C ILE E 66 41.55 2.64 21.64
N LYS E 67 40.85 1.65 22.18
CA LYS E 67 40.99 1.22 23.60
C LYS E 67 42.39 0.63 23.83
N GLU E 68 42.92 -0.09 22.84
CA GLU E 68 44.26 -0.73 22.84
C GLU E 68 45.33 0.38 22.78
N ARG E 69 45.07 1.44 22.01
CA ARG E 69 46.04 2.56 21.83
C ARG E 69 46.05 3.43 23.10
N ILE E 70 44.99 3.36 23.90
CA ILE E 70 44.96 3.97 25.27
C ILE E 70 45.83 3.09 26.18
N ARG E 71 45.53 1.79 26.25
CA ARG E 71 46.21 0.83 27.16
C ARG E 71 47.72 0.90 26.92
N ASN E 72 48.17 0.99 25.65
CA ASN E 72 49.59 0.88 25.24
C ASN E 72 50.24 2.26 25.02
N HIS E 73 49.64 3.32 25.57
CA HIS E 73 50.23 4.68 25.70
C HIS E 73 50.64 5.27 24.33
N LYS E 74 49.89 5.02 23.25
CA LYS E 74 50.29 5.46 21.89
C LYS E 74 49.79 6.89 21.65
N TYR E 75 48.62 7.23 22.21
CA TYR E 75 48.08 8.61 22.32
C TYR E 75 48.79 9.31 23.49
N ARG E 76 49.44 10.44 23.20
CA ARG E 76 50.23 11.22 24.21
C ARG E 76 49.39 12.35 24.83
N SER E 77 48.22 12.66 24.26
CA SER E 77 47.33 13.79 24.69
C SER E 77 45.86 13.41 24.48
N LEU E 78 44.92 14.09 25.17
CA LEU E 78 43.47 13.97 24.85
C LEU E 78 43.27 14.25 23.36
N GLY E 79 44.01 15.23 22.83
CA GLY E 79 44.05 15.60 21.41
C GLY E 79 44.34 14.45 20.47
N ASP E 80 45.37 13.65 20.74
CA ASP E 80 45.75 12.47 19.90
C ASP E 80 44.60 11.46 19.88
N LEU E 81 43.88 11.32 21.00
CA LEU E 81 42.69 10.42 21.12
C LEU E 81 41.58 10.96 20.21
N GLU E 82 41.22 12.24 20.34
CA GLU E 82 40.19 12.92 19.51
C GLU E 82 40.46 12.57 18.04
N LYS E 83 41.70 12.69 17.57
CA LYS E 83 42.07 12.50 16.14
C LYS E 83 41.60 11.12 15.66
N ASP E 84 41.92 10.08 16.42
CA ASP E 84 41.58 8.66 16.06
C ASP E 84 40.05 8.48 16.04
N VAL E 85 39.33 9.07 17.00
CA VAL E 85 37.85 8.99 17.11
C VAL E 85 37.22 9.73 15.92
N MET E 86 37.68 10.95 15.63
CA MET E 86 37.18 11.73 14.47
C MET E 86 37.49 10.94 13.19
N LEU E 87 38.64 10.27 13.12
CA LEU E 87 39.04 9.47 11.93
C LEU E 87 38.06 8.31 11.76
N LEU E 88 37.78 7.60 12.86
CA LEU E 88 36.82 6.47 12.83
C LEU E 88 35.50 7.00 12.25
N CYS E 89 35.01 8.11 12.80
CA CYS E 89 33.68 8.68 12.44
C CYS E 89 33.68 9.15 11.00
N HIS E 90 34.78 9.72 10.49
N HIS E 90 34.80 9.70 10.52
CA HIS E 90 34.88 10.19 9.09
CA HIS E 90 34.95 10.23 9.13
C HIS E 90 34.98 8.99 8.13
C HIS E 90 35.06 9.05 8.14
N ASN E 91 35.66 7.93 8.53
CA ASN E 91 35.78 6.71 7.68
C ASN E 91 34.37 6.12 7.46
N ALA E 92 33.56 6.05 8.53
CA ALA E 92 32.19 5.54 8.52
C ALA E 92 31.34 6.43 7.61
N GLN E 93 31.59 7.74 7.67
CA GLN E 93 30.88 8.75 6.83
C GLN E 93 31.31 8.59 5.38
N THR E 94 32.61 8.48 5.09
CA THR E 94 33.11 8.36 3.70
C THR E 94 32.56 7.07 3.06
N PHE E 95 32.65 5.93 3.75
CA PHE E 95 32.23 4.62 3.20
C PHE E 95 30.71 4.56 3.03
N ASN E 96 29.95 4.74 4.11
CA ASN E 96 28.47 4.74 4.08
C ASN E 96 28.06 6.17 3.81
N LEU E 97 27.33 6.51 2.78
CA LEU E 97 27.33 7.96 2.48
C LEU E 97 26.21 8.63 3.28
N GLU E 98 25.95 9.91 3.03
CA GLU E 98 24.86 10.69 3.65
C GLU E 98 23.55 9.92 3.44
N GLY E 99 22.68 9.87 4.45
CA GLY E 99 21.39 9.16 4.36
C GLY E 99 21.42 7.73 4.92
N SER E 100 22.57 7.24 5.38
CA SER E 100 22.68 5.93 6.09
C SER E 100 22.54 6.16 7.60
N GLN E 101 21.91 5.24 8.33
CA GLN E 101 21.80 5.33 9.81
C GLN E 101 23.24 5.43 10.37
N ILE E 102 24.17 4.69 9.81
CA ILE E 102 25.56 4.58 10.36
C ILE E 102 26.27 5.93 10.19
N TYR E 103 26.00 6.69 9.13
CA TYR E 103 26.52 8.06 8.93
C TYR E 103 25.98 8.97 10.05
N GLU E 104 24.67 8.91 10.30
CA GLU E 104 23.96 9.72 11.32
C GLU E 104 24.52 9.33 12.70
N ASP E 105 24.65 8.04 12.97
CA ASP E 105 25.18 7.52 14.26
C ASP E 105 26.58 8.10 14.52
N SER E 106 27.47 8.06 13.52
CA SER E 106 28.86 8.55 13.63
C SER E 106 28.87 10.05 13.97
N ILE E 107 27.95 10.86 13.40
CA ILE E 107 27.82 12.32 13.69
C ILE E 107 27.52 12.51 15.18
N VAL E 108 26.52 11.80 15.69
CA VAL E 108 26.09 11.91 17.12
C VAL E 108 27.26 11.49 18.04
N LEU E 109 28.04 10.49 17.66
CA LEU E 109 29.18 10.00 18.50
C LEU E 109 30.30 11.05 18.55
N GLN E 110 30.57 11.74 17.44
CA GLN E 110 31.51 12.90 17.40
C GLN E 110 31.07 13.94 18.44
N SER E 111 29.77 14.22 18.52
CA SER E 111 29.14 15.21 19.43
C SER E 111 29.27 14.74 20.88
N VAL E 112 28.94 13.47 21.16
CA VAL E 112 29.07 12.86 22.51
C VAL E 112 30.54 12.91 22.95
N PHE E 113 31.50 12.64 22.05
CA PHE E 113 32.94 12.78 22.36
C PHE E 113 33.25 14.21 22.83
N LYS E 114 32.90 15.23 22.03
CA LYS E 114 33.23 16.65 22.30
C LYS E 114 32.58 17.09 23.62
N SER E 115 31.37 16.61 23.88
CA SER E 115 30.56 16.87 25.09
C SER E 115 31.26 16.30 26.34
N ALA E 116 31.83 15.09 26.24
CA ALA E 116 32.57 14.39 27.31
C ALA E 116 33.91 15.10 27.60
N ARG E 117 34.65 15.47 26.55
CA ARG E 117 35.94 16.22 26.63
C ARG E 117 35.68 17.62 27.22
N GLN E 118 34.51 18.21 27.02
CA GLN E 118 34.16 19.54 27.59
C GLN E 118 33.95 19.38 29.11
N LYS E 119 33.41 18.25 29.59
CA LYS E 119 33.11 18.02 31.02
C LYS E 119 34.37 17.59 31.77
N ILE E 120 35.23 16.80 31.14
CA ILE E 120 36.61 16.49 31.63
C ILE E 120 37.41 17.79 31.82
N ALA E 121 37.39 18.68 30.82
CA ALA E 121 38.11 19.97 30.76
C ALA E 121 37.73 20.87 31.95
N LYS E 122 36.51 20.72 32.48
CA LYS E 122 36.04 21.35 33.74
C LYS E 122 36.46 20.49 34.95
N ARG F 9 32.34 -13.87 -11.24
CA ARG F 9 31.33 -13.03 -10.48
C ARG F 9 29.92 -13.24 -11.04
N PRO F 10 28.95 -13.76 -10.25
CA PRO F 10 27.67 -14.20 -10.81
C PRO F 10 26.86 -13.08 -11.49
N VAL F 11 26.01 -13.48 -12.42
CA VAL F 11 25.14 -12.58 -13.22
C VAL F 11 24.27 -11.76 -12.25
N LEU F 12 23.57 -12.41 -11.31
CA LEU F 12 22.70 -11.72 -10.33
C LEU F 12 23.50 -11.33 -9.09
N ARG F 13 23.91 -10.06 -9.02
CA ARG F 13 24.61 -9.43 -7.88
C ARG F 13 24.29 -7.93 -7.81
N SER F 14 24.37 -7.32 -6.63
CA SER F 14 24.47 -5.85 -6.42
C SER F 14 25.81 -5.36 -6.98
N VAL F 15 25.83 -4.19 -7.61
CA VAL F 15 27.10 -3.50 -7.97
C VAL F 15 27.40 -2.46 -6.88
N ASN F 16 28.69 -2.22 -6.68
CA ASN F 16 29.25 -1.29 -5.66
C ASN F 16 29.20 0.13 -6.25
N SER F 17 28.00 0.69 -6.42
CA SER F 17 27.73 1.98 -7.10
C SER F 17 28.20 3.14 -6.22
N ARG F 18 28.05 3.00 -4.90
CA ARG F 18 28.28 4.08 -3.88
C ARG F 18 27.39 5.29 -4.24
N GLU F 19 26.17 5.04 -4.72
CA GLU F 19 25.21 6.11 -5.10
C GLU F 19 23.96 5.92 -4.25
N PRO F 20 23.78 6.72 -3.19
CA PRO F 20 22.69 6.50 -2.24
C PRO F 20 21.30 6.59 -2.88
N SER F 21 20.36 5.84 -2.31
CA SER F 21 18.97 5.70 -2.78
C SER F 21 18.10 5.37 -1.57
N GLN F 22 17.17 6.26 -1.26
CA GLN F 22 16.13 6.06 -0.22
C GLN F 22 15.02 5.19 -0.81
N VAL F 23 14.60 4.18 -0.05
CA VAL F 23 13.61 3.19 -0.51
C VAL F 23 12.60 3.03 0.63
N ILE F 24 11.33 2.88 0.33
CA ILE F 24 10.35 2.47 1.36
C ILE F 24 9.99 1.00 1.15
N PHE F 25 10.29 0.12 2.10
CA PHE F 25 9.82 -1.28 2.07
C PHE F 25 8.45 -1.33 2.70
N CYS F 26 7.42 -1.75 1.97
CA CYS F 26 6.04 -1.82 2.53
C CYS F 26 5.53 -3.24 2.37
N ASN F 27 5.23 -3.91 3.48
CA ASN F 27 4.65 -5.28 3.52
C ASN F 27 3.13 -5.22 3.40
N ARG F 28 2.62 -5.40 2.20
CA ARG F 28 1.17 -5.54 1.95
C ARG F 28 0.86 -7.02 1.69
N SER F 29 1.56 -7.92 2.40
CA SER F 29 1.20 -9.36 2.46
C SER F 29 0.72 -9.68 3.87
N PRO F 30 0.02 -10.82 4.07
CA PRO F 30 -0.28 -11.30 5.41
C PRO F 30 0.85 -12.19 5.98
N ARG F 31 2.01 -12.24 5.31
CA ARG F 31 3.22 -12.96 5.79
C ARG F 31 4.15 -12.00 6.55
N VAL F 32 4.92 -12.54 7.50
CA VAL F 32 6.16 -11.87 8.00
C VAL F 32 7.17 -11.92 6.86
N VAL F 33 7.73 -10.79 6.46
CA VAL F 33 8.57 -10.68 5.24
C VAL F 33 10.02 -10.60 5.65
N LEU F 34 10.88 -11.29 4.93
CA LEU F 34 12.35 -11.24 5.12
C LEU F 34 12.92 -10.60 3.87
N PRO F 35 13.39 -9.33 3.96
CA PRO F 35 14.09 -8.73 2.84
C PRO F 35 15.40 -9.51 2.73
N VAL F 36 15.82 -9.78 1.52
CA VAL F 36 17.10 -10.45 1.25
C VAL F 36 17.86 -9.59 0.26
N TRP F 37 19.07 -9.17 0.62
CA TRP F 37 19.99 -8.36 -0.23
C TRP F 37 20.96 -9.34 -0.87
N LEU F 38 21.15 -9.25 -2.18
CA LEU F 38 22.27 -9.94 -2.86
C LEU F 38 23.51 -9.05 -2.75
N ASN F 39 24.63 -9.59 -2.26
CA ASN F 39 25.82 -8.76 -1.96
C ASN F 39 26.64 -8.63 -3.25
N PHE F 40 27.88 -8.17 -3.17
CA PHE F 40 28.71 -7.87 -4.36
C PHE F 40 29.15 -9.17 -5.02
N ASP F 41 28.92 -10.32 -4.38
CA ASP F 41 29.28 -11.66 -4.90
C ASP F 41 28.04 -12.52 -5.14
N GLY F 42 26.85 -11.94 -5.07
CA GLY F 42 25.59 -12.65 -5.37
C GLY F 42 25.02 -13.38 -4.16
N GLU F 43 25.68 -13.31 -3.00
CA GLU F 43 25.33 -14.15 -1.83
C GLU F 43 24.19 -13.45 -1.09
N PRO F 44 23.09 -14.16 -0.81
CA PRO F 44 21.92 -13.54 -0.18
C PRO F 44 22.20 -13.22 1.29
N GLN F 45 21.87 -12.01 1.75
CA GLN F 45 22.01 -11.59 3.18
C GLN F 45 20.63 -11.30 3.75
N PRO F 46 20.27 -11.85 4.91
CA PRO F 46 18.97 -11.55 5.54
C PRO F 46 18.95 -10.18 6.24
N TYR F 47 17.85 -9.42 6.12
CA TYR F 47 17.69 -8.10 6.78
C TYR F 47 16.54 -8.20 7.77
N PRO F 48 16.38 -7.23 8.69
CA PRO F 48 15.34 -7.31 9.71
C PRO F 48 13.95 -7.45 9.08
N THR F 49 13.06 -8.19 9.74
CA THR F 49 11.77 -8.63 9.15
C THR F 49 10.74 -7.51 9.29
N LEU F 50 9.73 -7.53 8.41
CA LEU F 50 8.59 -6.58 8.42
C LEU F 50 7.36 -7.36 8.77
N PRO F 51 6.71 -7.07 9.91
CA PRO F 51 5.39 -7.63 10.20
C PRO F 51 4.36 -7.23 9.13
N PRO F 52 3.28 -8.03 8.95
CA PRO F 52 2.22 -7.68 8.00
C PRO F 52 1.70 -6.25 8.18
N GLY F 53 1.57 -5.50 7.09
CA GLY F 53 1.05 -4.11 7.10
C GLY F 53 2.12 -3.07 7.45
N THR F 54 3.36 -3.47 7.73
CA THR F 54 4.41 -2.52 8.20
C THR F 54 5.13 -1.91 7.01
N GLY F 55 5.54 -0.65 7.12
CA GLY F 55 6.42 0.03 6.17
C GLY F 55 7.56 0.71 6.90
N ARG F 56 8.72 0.72 6.26
CA ARG F 56 9.92 1.36 6.80
C ARG F 56 10.66 2.03 5.65
N ARG F 57 11.08 3.28 5.87
CA ARG F 57 12.03 3.97 4.97
C ARG F 57 13.43 3.44 5.33
N ILE F 58 14.13 2.86 4.37
CA ILE F 58 15.48 2.29 4.60
C ILE F 58 16.42 2.84 3.53
N HIS F 59 17.71 2.88 3.82
CA HIS F 59 18.79 3.38 2.94
C HIS F 59 19.37 2.18 2.17
N SER F 60 19.49 2.34 0.87
CA SER F 60 20.14 1.39 -0.07
C SER F 60 20.95 2.21 -1.06
N TYR F 61 21.31 1.62 -2.20
CA TYR F 61 22.21 2.24 -3.21
C TYR F 61 21.75 1.80 -4.61
N ARG F 62 22.08 2.61 -5.62
CA ARG F 62 21.75 2.33 -7.03
C ARG F 62 22.39 0.99 -7.43
N GLY F 63 21.62 0.13 -8.07
CA GLY F 63 22.09 -1.15 -8.65
C GLY F 63 22.16 -2.25 -7.61
N HIS F 64 21.59 -2.04 -6.43
CA HIS F 64 21.57 -3.06 -5.37
C HIS F 64 20.33 -3.92 -5.59
N LEU F 65 20.47 -5.24 -5.54
CA LEU F 65 19.46 -6.26 -5.89
C LEU F 65 18.81 -6.72 -4.59
N TRP F 66 17.48 -6.83 -4.57
CA TRP F 66 16.72 -7.31 -3.40
C TRP F 66 15.74 -8.39 -3.80
N LEU F 67 15.39 -9.30 -2.88
CA LEU F 67 14.30 -10.29 -3.01
C LEU F 67 13.50 -10.22 -1.72
N PHE F 68 12.32 -10.82 -1.68
CA PHE F 68 11.50 -10.83 -0.46
C PHE F 68 10.92 -12.25 -0.28
N ARG F 69 10.98 -12.76 0.96
CA ARG F 69 10.53 -14.13 1.31
C ARG F 69 9.65 -14.06 2.55
N ASP F 70 8.72 -15.02 2.68
CA ASP F 70 8.14 -15.42 3.99
C ASP F 70 9.31 -15.80 4.91
N ALA F 71 9.42 -15.16 6.08
CA ALA F 71 10.54 -15.33 7.04
C ALA F 71 10.56 -16.76 7.61
N GLY F 72 9.38 -17.40 7.72
CA GLY F 72 9.17 -18.71 8.36
C GLY F 72 9.37 -19.88 7.39
N THR F 73 8.98 -19.74 6.12
CA THR F 73 8.83 -20.88 5.15
C THR F 73 9.72 -20.67 3.91
N HIS F 74 10.25 -19.46 3.71
CA HIS F 74 11.02 -19.03 2.52
C HIS F 74 10.14 -19.05 1.25
N ASP F 75 8.83 -19.10 1.41
CA ASP F 75 7.90 -18.87 0.28
C ASP F 75 8.31 -17.54 -0.38
N GLY F 76 8.41 -17.53 -1.71
CA GLY F 76 8.75 -16.34 -2.51
C GLY F 76 7.59 -15.38 -2.56
N LEU F 77 7.91 -14.07 -2.55
CA LEU F 77 6.93 -12.94 -2.61
C LEU F 77 7.32 -12.01 -3.76
N LEU F 78 6.40 -11.13 -4.16
CA LEU F 78 6.63 -10.16 -5.25
C LEU F 78 6.92 -8.78 -4.64
N VAL F 79 7.58 -7.94 -5.42
CA VAL F 79 7.83 -6.50 -5.12
C VAL F 79 7.56 -5.73 -6.40
N ASN F 80 6.47 -4.93 -6.41
CA ASN F 80 6.04 -4.13 -7.60
C ASN F 80 5.87 -5.07 -8.78
N GLN F 81 5.20 -6.18 -8.49
CA GLN F 81 4.67 -7.19 -9.43
C GLN F 81 5.80 -8.04 -10.04
N THR F 82 7.05 -7.99 -9.56
CA THR F 82 8.15 -8.89 -10.02
C THR F 82 8.89 -9.51 -8.83
N GLU F 83 9.97 -10.26 -9.06
CA GLU F 83 10.67 -11.07 -8.01
C GLU F 83 11.87 -10.31 -7.49
N LEU F 84 12.58 -9.60 -8.37
CA LEU F 84 13.74 -8.75 -8.02
C LEU F 84 13.32 -7.29 -7.92
N PHE F 85 13.92 -6.55 -6.98
CA PHE F 85 13.78 -5.08 -6.82
C PHE F 85 15.17 -4.46 -6.90
N VAL F 86 15.32 -3.46 -7.78
CA VAL F 86 16.56 -2.66 -7.95
C VAL F 86 16.13 -1.21 -7.96
N PRO F 87 16.64 -0.37 -7.04
CA PRO F 87 16.38 1.07 -7.08
C PRO F 87 17.02 1.81 -8.27
N SER F 88 16.28 2.77 -8.85
CA SER F 88 16.84 3.99 -9.48
C SER F 88 17.55 4.87 -8.41
N LEU F 89 18.37 5.84 -8.84
CA LEU F 89 18.63 7.09 -8.07
C LEU F 89 17.29 7.84 -7.91
N ASN F 90 17.04 8.31 -6.69
CA ASN F 90 15.91 9.22 -6.35
C ASN F 90 15.93 10.40 -7.35
N VAL F 91 14.77 10.78 -7.86
CA VAL F 91 14.59 12.03 -8.68
C VAL F 91 14.20 13.14 -7.72
N ASP F 92 15.06 14.16 -7.54
CA ASP F 92 14.77 15.32 -6.63
C ASP F 92 14.58 14.81 -5.19
N GLY F 93 15.40 13.85 -4.75
CA GLY F 93 15.36 13.21 -3.42
C GLY F 93 14.04 12.50 -3.06
N GLN F 94 13.16 12.19 -4.03
CA GLN F 94 11.92 11.40 -3.81
C GLN F 94 12.28 9.93 -3.50
N PRO F 95 11.78 9.32 -2.39
CA PRO F 95 12.06 7.91 -2.14
C PRO F 95 11.43 7.03 -3.22
N ILE F 96 12.04 5.89 -3.52
CA ILE F 96 11.49 4.77 -4.35
C ILE F 96 10.63 3.92 -3.42
N PHE F 97 9.49 3.47 -3.87
CA PHE F 97 8.55 2.66 -3.08
C PHE F 97 8.62 1.23 -3.60
N ALA F 98 8.71 0.27 -2.68
CA ALA F 98 8.74 -1.18 -2.95
C ALA F 98 7.54 -1.85 -2.28
N ASN F 99 6.51 -2.13 -3.06
CA ASN F 99 5.21 -2.74 -2.62
C ASN F 99 5.34 -4.28 -2.63
N ILE F 100 5.50 -4.87 -1.45
CA ILE F 100 5.75 -6.33 -1.23
C ILE F 100 4.41 -7.02 -1.00
N THR F 101 4.04 -7.94 -1.91
CA THR F 101 2.76 -8.69 -1.93
C THR F 101 3.02 -10.18 -2.06
N LEU F 102 2.01 -10.98 -1.70
CA LEU F 102 1.87 -12.39 -2.15
C LEU F 102 1.84 -12.38 -3.67
N PRO F 103 2.47 -13.37 -4.33
CA PRO F 103 2.11 -13.69 -5.71
C PRO F 103 0.79 -14.49 -5.70
N VAL F 104 0.22 -14.70 -6.88
CA VAL F 104 -0.78 -15.78 -7.06
C VAL F 104 -0.04 -17.12 -7.25
N TYR F 105 0.19 -17.83 -6.17
CA TYR F 105 0.66 -19.23 -6.15
C TYR F 105 -0.29 -20.09 -7.00
N THR F 106 0.24 -21.07 -7.72
CA THR F 106 -0.59 -22.16 -8.29
C THR F 106 -1.37 -22.80 -7.13
N LEU F 107 -2.52 -23.41 -7.38
CA LEU F 107 -3.25 -24.15 -6.31
C LEU F 107 -2.35 -25.28 -5.78
N LYS F 108 -1.66 -26.00 -6.67
CA LYS F 108 -0.75 -27.10 -6.26
C LYS F 108 0.27 -26.54 -5.24
N GLU F 109 0.94 -25.44 -5.58
CA GLU F 109 1.97 -24.85 -4.70
C GLU F 109 1.35 -24.37 -3.38
N ARG F 110 0.16 -23.77 -3.42
CA ARG F 110 -0.50 -23.26 -2.19
C ARG F 110 -0.89 -24.45 -1.31
N CYS F 111 -1.31 -25.56 -1.92
CA CYS F 111 -1.62 -26.82 -1.18
C CYS F 111 -0.32 -27.37 -0.57
N LEU F 112 0.79 -27.38 -1.31
CA LEU F 112 2.09 -27.88 -0.75
C LEU F 112 2.48 -27.01 0.44
N GLN F 113 2.24 -25.68 0.39
CA GLN F 113 2.63 -24.74 1.49
C GLN F 113 1.90 -25.17 2.75
N VAL F 114 0.61 -25.48 2.63
CA VAL F 114 -0.27 -25.78 3.79
C VAL F 114 0.06 -27.17 4.37
N VAL F 115 0.30 -28.17 3.51
CA VAL F 115 0.64 -29.56 3.94
C VAL F 115 2.00 -29.50 4.64
N ARG F 116 3.01 -28.86 4.02
CA ARG F 116 4.35 -28.60 4.63
C ARG F 116 4.19 -27.95 6.01
N SER F 117 3.22 -27.06 6.19
CA SER F 117 3.03 -26.29 7.44
C SER F 117 2.37 -27.18 8.51
N LEU F 118 1.72 -28.28 8.12
CA LEU F 118 0.97 -29.17 9.05
C LEU F 118 1.71 -30.49 9.36
N VAL F 119 2.79 -30.82 8.62
CA VAL F 119 3.43 -32.16 8.59
C VAL F 119 4.95 -32.00 8.59
N LYS F 120 5.61 -32.67 9.53
CA LYS F 120 7.08 -32.79 9.67
C LYS F 120 7.62 -33.51 8.43
N PRO F 121 8.72 -33.04 7.79
CA PRO F 121 9.32 -33.70 6.63
C PRO F 121 9.55 -35.23 6.66
N GLU F 122 9.74 -35.81 7.85
CA GLU F 122 9.89 -37.29 8.02
C GLU F 122 8.57 -37.96 7.63
N ASN F 123 7.45 -37.29 7.88
CA ASN F 123 6.10 -37.93 7.85
C ASN F 123 5.45 -37.71 6.48
N TYR F 124 6.13 -37.01 5.54
CA TYR F 124 5.63 -36.72 4.18
C TYR F 124 5.21 -38.03 3.49
N ARG F 125 6.07 -39.04 3.56
CA ARG F 125 5.88 -40.32 2.81
C ARG F 125 4.84 -41.20 3.53
N ARG F 126 4.31 -40.77 4.69
CA ARG F 126 3.25 -41.48 5.47
C ARG F 126 1.86 -40.97 5.07
N LEU F 127 1.75 -40.01 4.14
CA LEU F 127 0.47 -39.48 3.62
C LEU F 127 0.00 -40.37 2.45
N ASP F 128 -1.33 -40.55 2.31
CA ASP F 128 -1.96 -41.48 1.35
C ASP F 128 -2.19 -40.75 0.02
N ILE F 129 -1.09 -40.53 -0.73
CA ILE F 129 -1.05 -39.67 -1.95
C ILE F 129 -0.18 -40.33 -3.03
N VAL F 130 -0.49 -40.01 -4.29
CA VAL F 130 0.34 -40.28 -5.49
C VAL F 130 1.80 -39.99 -5.14
N ARG F 131 2.71 -40.93 -5.44
CA ARG F 131 4.11 -40.98 -4.94
C ARG F 131 4.89 -39.73 -5.37
N SER F 132 4.69 -39.27 -6.61
CA SER F 132 5.37 -38.08 -7.21
C SER F 132 5.19 -36.81 -6.35
N LEU F 133 4.19 -36.79 -5.45
CA LEU F 133 3.87 -35.63 -4.57
C LEU F 133 4.80 -35.59 -3.32
N TYR F 134 5.41 -36.72 -2.96
CA TYR F 134 6.43 -36.78 -1.87
C TYR F 134 7.65 -35.88 -2.17
N GLU F 135 8.16 -35.99 -3.43
CA GLU F 135 9.24 -35.14 -3.99
C GLU F 135 8.82 -33.66 -4.05
N ASP F 136 7.60 -33.37 -4.50
CA ASP F 136 7.05 -31.99 -4.55
C ASP F 136 7.04 -31.39 -3.13
N LEU F 137 6.64 -32.17 -2.12
CA LEU F 137 6.58 -31.68 -0.70
C LEU F 137 8.00 -31.34 -0.20
N GLU F 138 8.99 -32.18 -0.56
CA GLU F 138 10.40 -32.05 -0.11
C GLU F 138 11.13 -30.92 -0.88
N ASP F 139 10.66 -30.56 -2.08
CA ASP F 139 11.24 -29.45 -2.86
C ASP F 139 10.81 -28.12 -2.21
N HIS F 140 11.27 -27.84 -0.98
CA HIS F 140 10.96 -26.61 -0.22
C HIS F 140 11.47 -25.39 -0.99
N PRO F 141 10.72 -24.27 -0.97
CA PRO F 141 11.14 -23.07 -1.70
C PRO F 141 12.43 -22.55 -1.07
N ASN F 142 13.35 -21.99 -1.87
CA ASN F 142 14.53 -21.30 -1.29
C ASN F 142 15.18 -20.37 -2.33
N VAL F 143 15.96 -19.42 -1.84
CA VAL F 143 16.53 -18.28 -2.62
C VAL F 143 17.40 -18.83 -3.75
N GLN F 144 18.23 -19.83 -3.42
CA GLN F 144 19.28 -20.38 -4.31
C GLN F 144 18.62 -21.08 -5.49
N LYS F 145 17.49 -21.74 -5.25
CA LYS F 145 16.69 -22.41 -6.31
C LYS F 145 16.21 -21.32 -7.27
N ASP F 146 15.52 -20.31 -6.75
CA ASP F 146 14.92 -19.20 -7.55
C ASP F 146 16.04 -18.40 -8.22
N LEU F 147 17.17 -18.19 -7.55
CA LEU F 147 18.29 -17.41 -8.11
C LEU F 147 18.72 -18.06 -9.44
N GLU F 148 18.83 -19.39 -9.46
CA GLU F 148 19.27 -20.17 -10.66
C GLU F 148 18.22 -20.00 -11.77
N ARG F 149 16.94 -20.10 -11.43
CA ARG F 149 15.83 -19.95 -12.42
C ARG F 149 15.89 -18.53 -13.03
N LEU F 150 15.99 -17.50 -12.20
CA LEU F 150 15.98 -16.08 -12.65
C LEU F 150 17.21 -15.83 -13.53
N THR F 151 18.36 -16.41 -13.17
CA THR F 151 19.59 -16.32 -13.98
C THR F 151 19.33 -16.89 -15.38
N GLN F 152 18.68 -18.05 -15.47
CA GLN F 152 18.42 -18.74 -16.76
C GLN F 152 17.46 -17.88 -17.59
N GLU F 153 16.44 -17.29 -16.95
CA GLU F 153 15.48 -16.34 -17.59
C GLU F 153 16.25 -15.19 -18.23
N ARG F 154 17.16 -14.51 -17.50
CA ARG F 154 18.01 -13.40 -18.03
C ARG F 154 18.84 -13.84 -19.25
N ILE F 155 19.45 -15.04 -19.21
CA ILE F 155 20.30 -15.57 -20.31
C ILE F 155 19.49 -15.50 -21.62
N ALA F 156 18.17 -15.75 -21.55
CA ALA F 156 17.20 -15.60 -22.65
C ALA F 156 16.50 -14.24 -22.56
N HIS F 157 17.06 -13.23 -23.25
CA HIS F 157 16.42 -11.94 -23.65
C HIS F 157 15.12 -11.68 -22.85
N MET G 1 -19.89 -17.41 -21.72
CA MET G 1 -19.33 -18.76 -22.05
C MET G 1 -19.04 -19.44 -20.71
N TYR G 2 -19.91 -20.37 -20.32
CA TYR G 2 -19.81 -21.14 -19.06
C TYR G 2 -19.62 -22.62 -19.39
N VAL G 3 -18.98 -23.37 -18.49
CA VAL G 3 -18.92 -24.85 -18.55
C VAL G 3 -19.39 -25.40 -17.22
N LYS G 4 -19.87 -26.65 -17.22
CA LYS G 4 -20.35 -27.35 -16.00
C LYS G 4 -19.27 -28.37 -15.59
N LEU G 5 -18.83 -28.30 -14.35
CA LEU G 5 -17.94 -29.30 -13.72
C LEU G 5 -18.74 -30.06 -12.67
N ILE G 6 -18.71 -31.38 -12.74
CA ILE G 6 -19.53 -32.29 -11.89
C ILE G 6 -18.60 -33.08 -10.95
N SER G 7 -18.80 -32.93 -9.66
CA SER G 7 -18.09 -33.63 -8.58
C SER G 7 -18.56 -35.09 -8.56
N SER G 8 -17.86 -35.92 -7.79
CA SER G 8 -18.14 -37.37 -7.67
C SER G 8 -19.52 -37.57 -7.02
N ASP G 9 -19.99 -36.65 -6.16
CA ASP G 9 -21.27 -36.81 -5.43
C ASP G 9 -22.40 -36.11 -6.21
N GLY G 10 -22.15 -35.67 -7.45
CA GLY G 10 -23.17 -35.13 -8.36
C GLY G 10 -23.57 -33.67 -8.09
N HIS G 11 -22.69 -32.87 -7.50
CA HIS G 11 -22.81 -31.39 -7.48
C HIS G 11 -22.31 -30.85 -8.82
N GLU G 12 -23.10 -29.98 -9.45
CA GLU G 12 -22.70 -29.27 -10.70
C GLU G 12 -22.19 -27.87 -10.35
N PHE G 13 -21.05 -27.50 -10.92
CA PHE G 13 -20.40 -26.18 -10.74
C PHE G 13 -20.36 -25.51 -12.10
N ILE G 14 -21.14 -24.44 -12.28
CA ILE G 14 -21.13 -23.64 -13.53
C ILE G 14 -20.17 -22.47 -13.34
N VAL G 15 -19.05 -22.47 -14.07
CA VAL G 15 -17.98 -21.44 -14.02
C VAL G 15 -17.73 -20.92 -15.43
N LYS G 16 -17.13 -19.75 -15.56
CA LYS G 16 -16.76 -19.19 -16.88
C LYS G 16 -15.70 -20.12 -17.51
N ARG G 17 -15.79 -20.35 -18.81
CA ARG G 17 -14.82 -21.17 -19.59
C ARG G 17 -13.43 -20.64 -19.31
N GLU G 18 -13.25 -19.30 -19.41
CA GLU G 18 -11.94 -18.62 -19.24
C GLU G 18 -11.35 -19.01 -17.88
N HIS G 19 -12.18 -19.14 -16.83
CA HIS G 19 -11.76 -19.48 -15.44
C HIS G 19 -11.36 -20.97 -15.37
N ALA G 20 -12.18 -21.87 -15.91
CA ALA G 20 -11.89 -23.32 -15.94
C ALA G 20 -10.55 -23.57 -16.66
N LEU G 21 -10.26 -22.84 -17.74
CA LEU G 21 -9.06 -23.02 -18.59
C LEU G 21 -7.79 -22.69 -17.78
N THR G 22 -7.93 -22.16 -16.57
CA THR G 22 -6.84 -22.07 -15.55
C THR G 22 -6.21 -23.45 -15.31
N SER G 23 -7.01 -24.52 -15.34
CA SER G 23 -6.59 -25.93 -15.20
C SER G 23 -6.09 -26.47 -16.55
N GLY G 24 -4.79 -26.80 -16.63
CA GLY G 24 -4.16 -27.44 -17.81
C GLY G 24 -4.93 -28.67 -18.24
N THR G 25 -5.28 -29.52 -17.29
CA THR G 25 -6.08 -30.75 -17.49
C THR G 25 -7.41 -30.36 -18.15
N ILE G 26 -8.26 -29.57 -17.49
CA ILE G 26 -9.59 -29.13 -18.05
C ILE G 26 -9.37 -28.55 -19.45
N LYS G 27 -8.40 -27.65 -19.62
CA LYS G 27 -8.09 -26.97 -20.91
C LYS G 27 -7.94 -28.01 -22.03
N ALA G 28 -7.38 -29.19 -21.72
CA ALA G 28 -7.14 -30.29 -22.70
C ALA G 28 -8.45 -31.04 -22.96
N MET G 29 -9.16 -31.41 -21.89
CA MET G 29 -10.43 -32.21 -21.93
C MET G 29 -11.54 -31.47 -22.71
N LEU G 30 -11.37 -30.18 -23.06
CA LEU G 30 -12.37 -29.39 -23.83
C LEU G 30 -11.96 -29.28 -25.31
N THR G 41 -17.09 -31.18 -24.85
CA THR G 41 -17.50 -29.87 -25.44
C THR G 41 -17.59 -28.82 -24.32
N ASN G 42 -18.58 -28.91 -23.41
CA ASN G 42 -18.80 -27.88 -22.36
C ASN G 42 -19.23 -28.47 -21.00
N GLU G 43 -19.21 -29.79 -20.82
CA GLU G 43 -19.48 -30.45 -19.52
C GLU G 43 -18.23 -31.28 -19.17
N VAL G 44 -17.88 -31.43 -17.91
CA VAL G 44 -16.74 -32.30 -17.49
C VAL G 44 -17.12 -33.00 -16.19
N ASN G 45 -17.07 -34.34 -16.21
CA ASN G 45 -17.41 -35.20 -15.06
C ASN G 45 -16.11 -35.63 -14.38
N PHE G 46 -15.96 -35.36 -13.08
CA PHE G 46 -14.80 -35.78 -12.23
C PHE G 46 -15.25 -36.84 -11.23
N ARG G 47 -14.99 -38.12 -11.52
CA ARG G 47 -15.58 -39.24 -10.73
C ARG G 47 -14.83 -39.43 -9.41
N GLU G 48 -13.69 -38.74 -9.20
CA GLU G 48 -12.80 -38.95 -8.02
C GLU G 48 -12.55 -37.65 -7.23
N ILE G 49 -13.09 -36.51 -7.66
CA ILE G 49 -13.02 -35.20 -6.94
C ILE G 49 -14.40 -34.91 -6.34
N PRO G 50 -14.55 -34.90 -5.00
CA PRO G 50 -15.84 -34.63 -4.37
C PRO G 50 -16.11 -33.12 -4.25
N SER G 51 -17.37 -32.76 -3.93
CA SER G 51 -17.92 -31.37 -3.96
C SER G 51 -17.13 -30.46 -3.00
N HIS G 52 -16.77 -30.92 -1.80
CA HIS G 52 -15.99 -30.11 -0.82
C HIS G 52 -14.58 -29.77 -1.37
N VAL G 53 -14.08 -30.53 -2.34
CA VAL G 53 -12.82 -30.20 -3.05
C VAL G 53 -13.11 -29.37 -4.31
N LEU G 54 -14.09 -29.77 -5.12
CA LEU G 54 -14.32 -29.15 -6.46
C LEU G 54 -14.79 -27.69 -6.28
N SER G 55 -15.63 -27.38 -5.30
CA SER G 55 -16.10 -26.00 -4.97
C SER G 55 -14.87 -25.13 -4.71
N LYS G 56 -13.94 -25.64 -3.94
CA LYS G 56 -12.72 -24.92 -3.52
C LYS G 56 -11.82 -24.68 -4.73
N VAL G 57 -11.76 -25.64 -5.66
CA VAL G 57 -11.00 -25.53 -6.94
C VAL G 57 -11.60 -24.38 -7.76
N CYS G 58 -12.93 -24.36 -7.87
CA CYS G 58 -13.68 -23.28 -8.55
C CYS G 58 -13.35 -21.90 -7.94
N MET G 59 -13.31 -21.82 -6.61
CA MET G 59 -12.97 -20.56 -5.89
C MET G 59 -11.53 -20.16 -6.25
N TYR G 60 -10.64 -21.15 -6.42
CA TYR G 60 -9.25 -20.86 -6.78
C TYR G 60 -9.21 -20.27 -8.18
N PHE G 61 -10.05 -20.78 -9.09
CA PHE G 61 -10.14 -20.23 -10.47
C PHE G 61 -10.52 -18.73 -10.39
N THR G 62 -11.54 -18.39 -9.60
CA THR G 62 -12.03 -17.00 -9.42
C THR G 62 -10.87 -16.14 -8.94
N TYR G 63 -10.22 -16.62 -7.89
CA TYR G 63 -9.09 -15.95 -7.22
C TYR G 63 -7.96 -15.71 -8.23
N LYS G 64 -7.66 -16.69 -9.05
CA LYS G 64 -6.50 -16.67 -9.97
C LYS G 64 -6.75 -15.59 -11.04
N VAL G 65 -7.88 -15.63 -11.71
CA VAL G 65 -8.21 -14.69 -12.83
C VAL G 65 -8.28 -13.26 -12.28
N ARG G 66 -8.88 -13.07 -11.11
CA ARG G 66 -9.03 -11.75 -10.46
C ARG G 66 -7.64 -11.18 -10.14
N TYR G 67 -6.71 -11.95 -9.53
CA TYR G 67 -5.49 -11.37 -8.91
C TYR G 67 -4.25 -11.55 -9.78
N THR G 68 -4.29 -12.39 -10.80
CA THR G 68 -3.14 -12.52 -11.73
C THR G 68 -2.92 -11.15 -12.36
N ASN G 69 -1.71 -10.58 -12.27
CA ASN G 69 -1.40 -9.27 -12.88
C ASN G 69 -2.28 -8.20 -12.23
N SER G 70 -2.41 -8.24 -10.91
CA SER G 70 -3.00 -7.18 -10.05
C SER G 70 -1.95 -6.11 -9.70
N SER G 71 -2.39 -5.03 -9.06
CA SER G 71 -1.55 -3.90 -8.58
C SER G 71 -1.70 -3.71 -7.07
N THR G 72 -2.94 -3.84 -6.59
CA THR G 72 -3.33 -3.90 -5.16
C THR G 72 -2.56 -5.06 -4.46
N GLU G 73 -2.52 -5.05 -3.14
CA GLU G 73 -2.22 -6.26 -2.33
C GLU G 73 -3.14 -7.40 -2.78
N ILE G 74 -2.60 -8.60 -2.80
CA ILE G 74 -3.28 -9.89 -3.08
C ILE G 74 -3.58 -10.50 -1.73
N PRO G 75 -4.80 -10.97 -1.45
CA PRO G 75 -5.08 -11.72 -0.22
C PRO G 75 -4.65 -13.20 -0.30
N GLU G 76 -4.48 -13.82 0.86
CA GLU G 76 -4.13 -15.25 0.97
C GLU G 76 -5.30 -16.08 0.46
N PHE G 77 -5.01 -17.09 -0.36
CA PHE G 77 -5.97 -18.18 -0.67
C PHE G 77 -6.06 -19.13 0.53
N PRO G 78 -7.17 -19.16 1.30
CA PRO G 78 -7.24 -20.00 2.50
C PRO G 78 -7.51 -21.46 2.15
N ILE G 79 -6.90 -22.39 2.88
CA ILE G 79 -7.25 -23.84 2.82
C ILE G 79 -7.43 -24.42 4.22
N ALA G 80 -8.57 -25.01 4.52
CA ALA G 80 -8.83 -25.72 5.79
C ALA G 80 -7.85 -26.89 5.94
N PRO G 81 -7.31 -27.16 7.14
CA PRO G 81 -6.46 -28.34 7.32
C PRO G 81 -7.09 -29.65 6.79
N GLU G 82 -8.40 -29.79 6.91
CA GLU G 82 -9.14 -31.05 6.68
C GLU G 82 -9.33 -31.30 5.19
N ILE G 83 -9.19 -30.30 4.29
CA ILE G 83 -9.42 -30.50 2.83
C ILE G 83 -8.09 -30.43 2.05
N ALA G 84 -7.01 -30.06 2.74
CA ALA G 84 -5.66 -29.79 2.18
C ALA G 84 -5.10 -30.97 1.36
N LEU G 85 -5.22 -32.22 1.86
CA LEU G 85 -4.65 -33.42 1.18
C LEU G 85 -5.40 -33.67 -0.12
N GLU G 86 -6.72 -33.78 -0.06
CA GLU G 86 -7.57 -33.98 -1.26
C GLU G 86 -7.33 -32.82 -2.23
N LEU G 87 -7.40 -31.58 -1.76
CA LEU G 87 -7.13 -30.39 -2.63
C LEU G 87 -5.74 -30.52 -3.29
N LEU G 88 -4.72 -31.01 -2.59
CA LEU G 88 -3.38 -31.23 -3.18
C LEU G 88 -3.53 -32.16 -4.40
N MET G 89 -4.20 -33.31 -4.23
CA MET G 89 -4.35 -34.36 -5.28
C MET G 89 -5.17 -33.81 -6.46
N ALA G 90 -6.28 -33.12 -6.18
CA ALA G 90 -7.06 -32.38 -7.19
C ALA G 90 -6.15 -31.44 -7.99
N ALA G 91 -5.43 -30.55 -7.32
CA ALA G 91 -4.52 -29.55 -7.95
C ALA G 91 -3.48 -30.27 -8.82
N ASN G 92 -2.97 -31.40 -8.33
CA ASN G 92 -1.93 -32.21 -9.01
C ASN G 92 -2.51 -32.82 -10.29
N PHE G 93 -3.76 -33.30 -10.21
CA PHE G 93 -4.48 -33.91 -11.36
C PHE G 93 -4.93 -32.84 -12.34
N LEU G 94 -5.35 -31.66 -11.84
CA LEU G 94 -5.94 -30.56 -12.65
C LEU G 94 -4.84 -29.64 -13.23
N ASP G 95 -3.58 -29.80 -12.83
CA ASP G 95 -2.42 -28.99 -13.32
C ASP G 95 -2.75 -27.49 -13.24
N CYS G 96 -3.02 -26.98 -12.02
CA CYS G 96 -3.29 -25.54 -11.75
C CYS G 96 -2.81 -25.16 -10.35
N MET H 1 -15.29 -2.22 -6.53
CA MET H 1 -16.54 -2.43 -7.27
C MET H 1 -17.04 -3.85 -6.99
N ASP H 2 -16.25 -4.87 -7.33
CA ASP H 2 -16.75 -6.23 -7.67
C ASP H 2 -17.05 -7.05 -6.40
N VAL H 3 -18.13 -7.82 -6.42
CA VAL H 3 -18.48 -8.80 -5.36
C VAL H 3 -18.55 -10.18 -6.03
N PHE H 4 -18.17 -11.23 -5.29
CA PHE H 4 -18.00 -12.58 -5.86
C PHE H 4 -18.95 -13.54 -5.17
N LEU H 5 -19.78 -14.21 -5.96
CA LEU H 5 -20.98 -14.91 -5.47
C LEU H 5 -20.91 -16.38 -5.86
N MET H 6 -21.59 -17.21 -5.06
CA MET H 6 -22.06 -18.57 -5.44
C MET H 6 -23.59 -18.53 -5.44
N ILE H 7 -24.21 -18.72 -6.61
CA ILE H 7 -25.70 -18.80 -6.67
C ILE H 7 -26.05 -20.28 -6.58
N ARG H 8 -26.78 -20.66 -5.53
CA ARG H 8 -26.88 -22.09 -5.15
C ARG H 8 -28.34 -22.49 -5.03
N ARG H 9 -28.65 -23.61 -5.65
CA ARG H 9 -29.99 -24.24 -5.61
C ARG H 9 -29.79 -25.75 -5.74
N HIS H 10 -30.40 -26.53 -4.84
CA HIS H 10 -30.33 -28.00 -4.92
C HIS H 10 -28.82 -28.37 -5.02
N LYS H 11 -28.38 -28.98 -6.13
CA LYS H 11 -26.97 -29.40 -6.35
C LYS H 11 -26.40 -28.64 -7.55
N THR H 12 -26.85 -27.41 -7.75
CA THR H 12 -26.32 -26.46 -8.78
C THR H 12 -25.66 -25.30 -8.01
N THR H 13 -24.45 -24.93 -8.42
CA THR H 13 -23.70 -23.77 -7.89
C THR H 13 -23.13 -23.02 -9.10
N ILE H 14 -23.59 -21.78 -9.29
CA ILE H 14 -23.04 -20.83 -10.29
C ILE H 14 -22.04 -19.91 -9.59
N PHE H 15 -20.80 -19.88 -10.07
CA PHE H 15 -19.76 -18.86 -9.72
C PHE H 15 -19.92 -17.69 -10.68
N THR H 16 -20.26 -16.52 -10.16
CA THR H 16 -20.25 -15.27 -10.94
C THR H 16 -19.75 -14.11 -10.07
N ASP H 17 -19.27 -13.04 -10.73
CA ASP H 17 -19.00 -11.72 -10.13
C ASP H 17 -20.09 -10.72 -10.56
N ALA H 18 -20.28 -9.65 -9.79
CA ALA H 18 -21.11 -8.47 -10.14
C ALA H 18 -20.60 -7.26 -9.36
N LYS H 19 -21.15 -6.07 -9.59
CA LYS H 19 -20.76 -4.85 -8.83
C LYS H 19 -21.65 -4.72 -7.60
N GLU H 20 -21.09 -4.14 -6.55
CA GLU H 20 -21.79 -3.82 -5.28
C GLU H 20 -23.04 -3.00 -5.61
N SER H 21 -22.91 -2.13 -6.61
CA SER H 21 -23.93 -1.11 -7.01
C SER H 21 -25.01 -1.76 -7.88
N SER H 22 -24.74 -2.92 -8.48
CA SER H 22 -25.72 -3.64 -9.34
C SER H 22 -26.87 -4.19 -8.48
N THR H 23 -28.02 -4.49 -9.09
CA THR H 23 -29.28 -4.81 -8.38
C THR H 23 -29.53 -6.33 -8.39
N VAL H 24 -30.32 -6.80 -7.43
CA VAL H 24 -30.84 -8.17 -7.35
C VAL H 24 -31.45 -8.55 -8.70
N PHE H 25 -32.15 -7.61 -9.35
CA PHE H 25 -32.81 -7.87 -10.65
C PHE H 25 -31.76 -8.13 -11.74
N GLU H 26 -30.68 -7.35 -11.76
CA GLU H 26 -29.58 -7.51 -12.75
C GLU H 26 -28.92 -8.88 -12.54
N LEU H 27 -28.95 -9.42 -11.32
CA LEU H 27 -28.36 -10.76 -11.01
C LEU H 27 -29.27 -11.82 -11.63
N LYS H 28 -30.60 -11.62 -11.55
CA LYS H 28 -31.60 -12.54 -12.13
C LYS H 28 -31.37 -12.61 -13.64
N ARG H 29 -30.95 -11.52 -14.28
CA ARG H 29 -30.67 -11.51 -15.74
C ARG H 29 -29.43 -12.38 -16.03
N ILE H 30 -28.41 -12.32 -15.18
CA ILE H 30 -27.20 -13.19 -15.30
C ILE H 30 -27.69 -14.65 -15.24
N VAL H 31 -28.51 -14.99 -14.25
CA VAL H 31 -29.05 -16.36 -14.03
C VAL H 31 -29.88 -16.81 -15.25
N GLU H 32 -30.75 -15.93 -15.76
CA GLU H 32 -31.57 -16.21 -16.97
C GLU H 32 -30.65 -16.56 -18.15
N GLY H 33 -29.52 -15.90 -18.30
CA GLY H 33 -28.55 -16.24 -19.36
C GLY H 33 -28.03 -17.65 -19.21
N ILE H 34 -27.94 -18.15 -17.98
CA ILE H 34 -27.31 -19.47 -17.65
C ILE H 34 -28.39 -20.56 -17.60
N LEU H 35 -29.48 -20.35 -16.86
CA LEU H 35 -30.46 -21.41 -16.53
C LEU H 35 -31.80 -21.18 -17.24
N LYS H 36 -31.87 -20.17 -18.11
CA LYS H 36 -33.00 -19.92 -19.05
C LYS H 36 -34.31 -19.88 -18.28
N ARG H 37 -34.34 -19.22 -17.13
CA ARG H 37 -35.59 -18.88 -16.42
C ARG H 37 -35.61 -17.37 -16.25
N PRO H 38 -36.73 -16.72 -16.60
CA PRO H 38 -36.81 -15.26 -16.53
C PRO H 38 -36.80 -14.80 -15.07
N PRO H 39 -36.43 -13.53 -14.83
CA PRO H 39 -36.45 -12.96 -13.49
C PRO H 39 -37.69 -13.25 -12.63
N ASP H 40 -38.89 -13.18 -13.21
CA ASP H 40 -40.15 -13.30 -12.43
C ASP H 40 -40.33 -14.77 -12.02
N GLU H 41 -39.45 -15.65 -12.51
CA GLU H 41 -39.49 -17.09 -12.16
C GLU H 41 -38.41 -17.41 -11.14
N GLN H 42 -37.73 -16.39 -10.57
CA GLN H 42 -36.62 -16.54 -9.59
C GLN H 42 -36.91 -15.84 -8.26
N ARG H 43 -36.63 -16.49 -7.13
CA ARG H 43 -36.48 -15.91 -5.78
C ARG H 43 -35.02 -16.05 -5.35
N LEU H 44 -34.33 -14.95 -5.10
CA LEU H 44 -32.95 -14.92 -4.55
C LEU H 44 -33.00 -14.64 -3.05
N TYR H 45 -32.16 -15.33 -2.27
CA TYR H 45 -32.09 -15.21 -0.80
C TYR H 45 -30.65 -14.98 -0.32
N LYS H 46 -30.54 -14.32 0.82
CA LYS H 46 -29.36 -14.36 1.72
C LYS H 46 -29.79 -15.02 3.04
N ASP H 47 -29.26 -16.18 3.38
CA ASP H 47 -29.61 -16.92 4.62
C ASP H 47 -31.10 -16.74 4.95
N ASP H 48 -31.99 -17.22 4.09
CA ASP H 48 -33.45 -17.31 4.38
C ASP H 48 -34.20 -15.98 4.21
N GLN H 49 -33.53 -14.89 3.87
CA GLN H 49 -34.20 -13.57 3.65
C GLN H 49 -34.37 -13.33 2.16
N LEU H 50 -35.60 -13.12 1.68
CA LEU H 50 -35.91 -12.87 0.25
C LEU H 50 -35.35 -11.50 -0.13
N LEU H 51 -34.60 -11.42 -1.23
CA LEU H 51 -33.92 -10.19 -1.69
C LEU H 51 -34.84 -9.44 -2.66
N ASP H 52 -35.14 -8.17 -2.36
CA ASP H 52 -35.98 -7.30 -3.24
C ASP H 52 -35.20 -6.98 -4.53
N ASP H 53 -35.90 -6.96 -5.65
CA ASP H 53 -35.34 -6.78 -7.02
C ASP H 53 -34.60 -5.44 -7.15
N GLY H 54 -35.14 -4.38 -6.54
CA GLY H 54 -34.67 -2.98 -6.71
C GLY H 54 -33.51 -2.63 -5.78
N LYS H 55 -33.19 -3.51 -4.83
CA LYS H 55 -32.07 -3.34 -3.87
C LYS H 55 -30.73 -3.66 -4.56
N THR H 56 -29.67 -2.93 -4.20
CA THR H 56 -28.30 -3.18 -4.73
C THR H 56 -27.72 -4.36 -3.96
N LEU H 57 -26.71 -5.00 -4.53
CA LEU H 57 -26.01 -6.15 -3.89
C LEU H 57 -25.37 -5.67 -2.58
N GLY H 58 -24.74 -4.49 -2.59
CA GLY H 58 -24.25 -3.79 -1.38
C GLY H 58 -25.34 -3.58 -0.33
N GLU H 59 -26.57 -3.25 -0.75
CA GLU H 59 -27.70 -2.99 0.19
C GLU H 59 -28.18 -4.31 0.79
N CYS H 60 -27.97 -5.42 0.10
CA CYS H 60 -28.36 -6.77 0.60
C CYS H 60 -27.33 -7.30 1.60
N GLY H 61 -26.11 -6.74 1.60
CA GLY H 61 -25.01 -7.13 2.52
C GLY H 61 -23.86 -7.81 1.79
N PHE H 62 -23.88 -7.84 0.47
CA PHE H 62 -22.78 -8.38 -0.39
C PHE H 62 -21.78 -7.26 -0.69
N THR H 63 -20.65 -7.25 0.03
CA THR H 63 -19.60 -6.19 -0.04
C THR H 63 -18.28 -6.85 -0.49
N SER H 64 -17.31 -6.05 -0.93
CA SER H 64 -15.92 -6.47 -1.24
C SER H 64 -15.34 -7.30 -0.08
N GLN H 65 -15.71 -6.99 1.17
CA GLN H 65 -15.15 -7.60 2.40
C GLN H 65 -15.85 -8.93 2.73
N THR H 66 -17.11 -9.15 2.34
CA THR H 66 -17.90 -10.37 2.69
C THR H 66 -18.08 -11.34 1.51
N ALA H 67 -17.60 -10.98 0.32
CA ALA H 67 -17.89 -11.70 -0.93
C ALA H 67 -16.65 -11.61 -1.84
N ARG H 68 -15.64 -12.40 -1.49
CA ARG H 68 -14.28 -12.27 -2.09
C ARG H 68 -14.12 -13.41 -3.08
N PRO H 69 -13.24 -13.22 -4.07
CA PRO H 69 -12.98 -14.27 -5.05
C PRO H 69 -12.68 -15.63 -4.39
N GLN H 70 -11.88 -15.65 -3.32
CA GLN H 70 -11.41 -16.90 -2.67
C GLN H 70 -12.40 -17.38 -1.59
N ALA H 71 -13.45 -16.60 -1.30
CA ALA H 71 -14.50 -16.87 -0.28
C ALA H 71 -15.77 -16.12 -0.67
N PRO H 72 -16.45 -16.58 -1.76
CA PRO H 72 -17.62 -15.89 -2.27
C PRO H 72 -18.82 -16.05 -1.33
N ALA H 73 -19.74 -15.10 -1.33
CA ALA H 73 -20.98 -15.19 -0.55
C ALA H 73 -21.97 -16.07 -1.30
N THR H 74 -22.81 -16.79 -0.55
CA THR H 74 -23.87 -17.69 -1.08
C THR H 74 -25.17 -16.90 -1.28
N VAL H 75 -25.71 -16.92 -2.49
CA VAL H 75 -27.07 -16.46 -2.83
C VAL H 75 -27.93 -17.70 -3.06
N GLY H 76 -28.98 -17.88 -2.26
CA GLY H 76 -29.95 -18.97 -2.43
C GLY H 76 -30.83 -18.67 -3.64
N LEU H 77 -31.19 -19.72 -4.41
CA LEU H 77 -32.06 -19.58 -5.60
C LEU H 77 -33.19 -20.61 -5.48
N ALA H 78 -34.43 -20.16 -5.60
CA ALA H 78 -35.65 -20.98 -5.70
C ALA H 78 -36.43 -20.51 -6.94
N PHE H 79 -37.04 -21.45 -7.65
CA PHE H 79 -37.78 -21.19 -8.91
C PHE H 79 -39.29 -21.17 -8.60
N ARG H 80 -40.01 -20.24 -9.24
CA ARG H 80 -41.50 -20.19 -9.31
C ARG H 80 -41.96 -20.85 -10.59
N ALA H 81 -42.97 -21.74 -10.50
CA ALA H 81 -43.59 -22.43 -11.66
C ALA H 81 -45.08 -22.66 -11.38
N ASP H 82 -45.97 -22.22 -12.27
CA ASP H 82 -47.43 -22.55 -12.20
C ASP H 82 -47.99 -22.08 -10.85
N ASP H 83 -47.57 -20.91 -10.36
CA ASP H 83 -48.01 -20.26 -9.09
C ASP H 83 -47.42 -20.97 -7.87
N THR H 84 -46.87 -22.17 -8.01
CA THR H 84 -46.33 -23.01 -6.91
C THR H 84 -44.82 -22.71 -6.75
N PHE H 85 -44.41 -22.20 -5.59
CA PHE H 85 -42.99 -21.87 -5.27
C PHE H 85 -42.38 -23.07 -4.56
N GLU H 86 -41.25 -23.59 -5.03
CA GLU H 86 -40.51 -24.63 -4.27
C GLU H 86 -39.95 -23.99 -3.00
N ALA H 87 -39.83 -24.77 -1.93
CA ALA H 87 -39.06 -24.40 -0.72
C ALA H 87 -37.61 -24.18 -1.15
N LEU H 88 -36.92 -23.17 -0.60
CA LEU H 88 -35.45 -23.01 -0.81
C LEU H 88 -34.76 -24.24 -0.23
N CYS H 89 -33.95 -24.92 -1.05
CA CYS H 89 -33.20 -26.14 -0.66
C CYS H 89 -31.81 -26.06 -1.27
N ILE H 90 -30.79 -25.90 -0.43
CA ILE H 90 -29.36 -26.00 -0.86
C ILE H 90 -28.75 -27.28 -0.28
N GLU H 91 -28.48 -28.27 -1.12
CA GLU H 91 -27.78 -29.51 -0.69
C GLU H 91 -26.38 -29.12 -0.21
N PRO H 92 -25.99 -29.56 1.00
CA PRO H 92 -24.61 -29.34 1.47
C PRO H 92 -23.61 -29.97 0.50
N PHE H 93 -22.38 -29.47 0.47
CA PHE H 93 -21.22 -30.19 -0.11
C PHE H 93 -20.86 -31.37 0.80
N SER H 94 -20.11 -32.34 0.27
CA SER H 94 -19.60 -33.51 1.03
C SER H 94 -18.79 -33.01 2.24
N SER H 95 -18.68 -33.84 3.28
CA SER H 95 -17.82 -33.64 4.48
C SER H 95 -16.40 -34.07 4.17
N PRO H 96 -15.38 -33.33 4.64
CA PRO H 96 -14.00 -33.83 4.57
C PRO H 96 -13.80 -35.02 5.51
N PRO H 97 -12.86 -35.94 5.19
CA PRO H 97 -12.56 -37.08 6.05
C PRO H 97 -11.93 -36.63 7.37
N GLU H 98 -11.77 -37.60 8.29
CA GLU H 98 -10.93 -37.50 9.51
C GLU H 98 -9.58 -36.89 9.13
N LEU H 99 -9.17 -35.84 9.86
CA LEU H 99 -7.79 -35.29 9.85
C LEU H 99 -6.83 -36.42 10.23
N PRO H 100 -5.93 -36.88 9.31
CA PRO H 100 -4.91 -37.89 9.64
C PRO H 100 -4.01 -37.54 10.84
N ASP H 101 -3.52 -38.55 11.57
CA ASP H 101 -2.69 -38.38 12.80
C ASP H 101 -1.49 -37.47 12.52
N VAL H 102 -0.81 -37.68 11.38
CA VAL H 102 0.45 -36.98 10.98
C VAL H 102 0.18 -35.50 10.64
N MET H 103 -1.10 -35.08 10.52
CA MET H 103 -1.48 -33.64 10.34
C MET H 103 -2.11 -33.08 11.62
N LYS H 104 -2.17 -33.88 12.71
CA LYS H 104 -2.78 -33.51 14.02
C LYS H 104 -1.70 -32.82 14.86
C1 EDO I . 2.90 2.81 -43.84
O1 EDO I . 2.16 2.63 -45.06
C2 EDO I . 3.93 3.93 -43.84
O2 EDO I . 4.46 4.31 -42.56
C1 EDO J . -1.99 -7.20 -47.30
O1 EDO J . -1.25 -8.40 -47.29
C2 EDO J . -3.30 -7.34 -47.99
O2 EDO J . -4.42 -7.18 -47.11
C1 EDO K . -3.95 9.04 -25.21
O1 EDO K . -3.65 8.25 -24.10
C2 EDO K . -5.21 8.60 -25.87
O2 EDO K . -5.89 7.52 -25.23
NA NA L . -1.86 10.00 -38.22
C1 EDO M . -2.69 2.81 -19.57
O1 EDO M . -2.48 3.24 -20.90
C2 EDO M . -4.08 3.10 -19.18
O2 EDO M . -4.79 1.99 -18.69
C1 PEG N . -8.15 11.93 -19.70
O1 PEG N . -9.34 11.18 -19.56
C2 PEG N . -8.30 13.11 -20.64
O2 PEG N . -7.59 14.27 -20.16
C3 PEG N . -6.20 14.05 -19.87
C4 PEG N . -5.29 14.75 -20.89
O4 PEG N . -3.87 14.52 -20.68
C1 EDO O . -12.68 15.96 3.45
O1 EDO O . -12.76 16.41 2.08
C2 EDO O . -13.94 15.52 4.18
O2 EDO O . -13.80 14.26 4.80
C1 PEG P . -1.18 19.18 1.84
O1 PEG P . -0.29 18.40 1.04
C2 PEG P . -1.85 20.28 1.07
O2 PEG P . -3.05 20.66 1.75
C3 PEG P . -3.97 21.44 0.99
C4 PEG P . -5.28 20.70 0.80
O4 PEG P . -6.34 21.19 1.63
NA NA Q . 6.77 12.39 -23.76
NA NA R . 4.65 4.28 -21.97
NA NA S . -4.68 14.00 7.91
C1 87A T . -6.90 4.24 -15.95
C2 87A T . -6.34 5.34 -15.11
C3 87A T . -6.05 6.26 -13.15
C4 87A T . -5.38 6.27 -15.45
C5 87A T . -4.72 6.50 -16.75
C6 87A T . -3.35 6.72 -16.85
C7 87A T . -2.76 6.95 -18.08
C11 87A T . 0.13 9.41 -20.49
C13 87A T . 1.30 11.04 -19.15
C14 87A T . 0.92 11.70 -20.46
C15 87A T . 0.60 10.42 -22.62
C16 87A T . 1.13 11.57 -23.50
C18 87A T . 3.76 10.51 -25.95
C19 87A T . 5.17 10.00 -25.96
C21 87A T . 0.03 12.47 -24.13
C23 87A T . -0.75 11.71 -25.20
C24 87A T . 0.64 13.72 -24.80
C25 87A T . -4.90 6.79 -19.14
C26 87A T . -6.97 7.39 -20.24
C28 87A T . -6.36 10.29 -22.38
C30 87A T . -5.33 12.25 -23.31
C31 87A T . -6.37 12.41 -24.20
C33 87A T . -4.40 12.92 -26.44
C34 87A T . -3.84 12.79 -27.83
C35 87A T . -3.89 11.00 -29.57
C36 87A T . -4.42 10.86 -30.84
C37 87A T . -3.71 10.14 -31.79
C38 87A T . -4.18 9.89 -33.18
C39 87A T . -5.49 10.23 -33.56
C41 87A T . -5.09 9.41 -35.78
N1 87A T . -6.80 5.45 -13.82
S1 87A T . -5.03 7.23 -14.09
C8 87A T . -3.53 6.98 -19.25
C9 87A T . -2.94 7.20 -20.61
N2 87A T . -1.57 7.72 -20.55
C10 87A T . -1.30 9.00 -20.80
O1 87A T . -2.12 9.79 -21.26
C12 87A T . 0.27 9.93 -19.06
O2 87A T . 2.61 10.50 -19.23
N3 87A T . 0.57 10.55 -21.30
O3 87A T . 0.20 9.37 -23.14
N4 87A T . 1.92 10.97 -24.54
C17 87A T . 3.23 11.21 -24.76
O4 87A T . 3.91 11.94 -24.05
F1 87A T . 2.78 9.77 -26.54
C20 87A T . 4.81 11.18 -26.78
C22 87A T . -0.97 12.92 -23.07
O5 87A T . -5.64 6.86 -20.30
C27 87A T . -7.23 8.24 -21.43
O6 87A T . -6.27 9.31 -21.43
C29 87A T . -5.32 11.20 -22.40
C32 87A T . -6.38 13.56 -25.19
N5 87A T . -5.82 13.23 -26.52
N6 87A T . -4.54 11.77 -28.62
C40 87A T . -5.93 9.99 -34.85
C42 87A T . -3.81 9.07 -35.43
C43 87A T . -3.34 9.30 -34.15
O7 87A T . -2.08 8.95 -33.85
N7 87A T . -2.53 9.58 -31.49
N8 87A T . -1.97 9.76 -30.27
C44 87A T . -2.61 10.42 -29.31
N9 87A T . -1.96 10.46 -28.15
C45 87A T . -6.01 11.81 -28.53
C46 87A T . -6.53 12.11 -27.13
C47 87A T . -7.42 11.50 -24.16
C48 87A T . -7.42 10.44 -23.27
C49 87A T . -5.49 6.54 -17.91
C1 EDO U . -16.58 6.50 35.77
O1 EDO U . -17.36 5.67 36.63
C2 EDO U . -17.21 7.84 35.59
O2 EDO U . -16.99 8.71 36.71
C1 EDO V . -0.04 1.90 15.19
O1 EDO V . -0.66 3.16 15.02
C2 EDO V . 0.91 1.87 16.34
O2 EDO V . 1.97 0.92 16.20
C1 PEG W . 7.00 -16.36 -7.07
O1 PEG W . 6.10 -15.95 -8.11
C2 PEG W . 6.36 -17.38 -6.15
O2 PEG W . 6.99 -18.65 -6.31
C3 PEG W . 6.51 -19.64 -5.38
C4 PEG W . 7.58 -19.98 -4.34
O4 PEG W . 7.05 -20.35 -3.09
C1 EDO X . 18.64 2.84 7.69
O1 EDO X . 18.25 2.23 6.47
C2 EDO X . 17.52 2.99 8.65
O2 EDO X . 17.15 1.77 9.24
NA NA Y . -1.58 -16.73 -3.44
C1 87A Z . 14.87 -1.56 9.44
C2 87A Z . 14.66 -2.56 8.34
C3 87A Z . 13.42 -4.06 7.32
C4 87A Z . 15.51 -2.86 7.31
C5 87A Z . 16.87 -2.36 7.04
C6 87A Z . 17.24 -1.98 5.75
C7 87A Z . 18.51 -1.50 5.50
C11 87A Z . 22.19 -1.31 2.75
C13 87A Z . 21.96 -2.63 0.74
C14 87A Z . 23.38 -2.82 1.27
C15 87A Z . 24.59 -1.12 2.73
C16 87A Z . 25.97 -1.55 2.23
C18 87A Z . 28.18 1.31 1.11
C19 87A Z . 28.21 2.29 -0.02
C21 87A Z . 26.77 -2.57 3.11
C23 87A Z . 27.93 -3.18 2.32
C24 87A Z . 27.34 -1.88 4.34
C25 87A Z . 19.07 -1.75 7.82
C26 87A Z . 20.08 -2.56 9.88
C28 87A Z . 23.12 -4.42 9.00
C30 87A Z . 25.14 -5.25 10.00
C31 87A Z . 25.70 -5.48 8.74
C33 87A Z . 28.20 -4.23 7.48
C34 87A Z . 29.50 -3.47 7.48
C35 87A Z . 30.27 -1.39 8.67
C36 87A Z . 31.20 -1.08 9.66
C37 87A Z . 31.85 0.14 9.60
C38 87A Z . 32.86 0.59 10.60
C39 87A Z . 33.15 -0.19 11.72
C41 87A Z . 34.75 1.41 12.48
N1 87A Z . 13.48 -3.28 8.36
S1 87A Z . 14.74 -4.00 6.27
C8 87A Z . 19.45 -1.37 6.53
C9 87A Z . 20.83 -0.84 6.27
N2 87A Z . 21.15 -0.73 4.84
C10 87A Z . 22.06 -1.51 4.24
O1 87A Z . 22.77 -2.31 4.83
C12 87A Z . 21.20 -2.19 1.98
O2 87A Z . 21.91 -1.60 -0.24
N3 87A Z . 23.50 -1.74 2.27
O3 87A Z . 24.49 -0.19 3.53
N4 87A Z . 26.75 -0.32 2.11
C17 87A Z . 27.32 0.10 0.98
O4 87A Z . 27.16 -0.48 -0.09
F1 87A Z . 28.22 1.77 2.40
C20 87A Z . 29.40 1.44 0.24
C22 87A Z . 25.87 -3.72 3.60
O5 87A Z . 20.03 -1.60 8.80
C27 87A Z . 21.51 -2.95 10.09
O6 87A Z . 21.84 -3.91 9.07
C29 87A Z . 23.87 -4.71 10.13
C32 87A Z . 27.07 -6.11 8.60
N5 87A Z . 28.21 -5.19 8.58
N6 87A Z . 29.57 -2.60 8.66
C40 87A Z . 34.08 0.21 12.65
C42 87A Z . 34.49 2.21 11.39
C43 87A Z . 33.55 1.80 10.45
O7 87A Z . 33.34 2.61 9.38
N7 87A Z . 31.58 1.03 8.63
N8 87A Z . 30.70 0.75 7.66
C44 87A Z . 30.02 -0.40 7.66
N9 87A Z . 29.16 -0.56 6.67
C45 87A Z . 28.73 -3.03 9.78
C46 87A Z . 28.46 -4.53 9.87
C47 87A Z . 24.92 -5.21 7.62
C48 87A Z . 23.65 -4.67 7.74
C49 87A Z . 17.81 -2.25 8.07
C1 EDO AA . -8.43 -37.67 -8.99
O1 EDO AA . -9.18 -37.18 -10.10
C2 EDO AA . -7.58 -36.67 -8.27
O2 EDO AA . -8.19 -36.10 -7.10
#